data_4J8R
#
_entry.id   4J8R
#
_cell.length_a   65.415
_cell.length_b   71.567
_cell.length_c   207.592
_cell.angle_alpha   90.00
_cell.angle_beta   90.00
_cell.angle_gamma   90.00
#
_symmetry.space_group_name_H-M   'P 21 2 21'
#
loop_
_entity.id
_entity.type
_entity.pdbx_description
1 polymer 'Light chain of POM2 Fab'
2 polymer 'Heavy chain of POM2 Fab'
3 polymer 'Major prion protein'
4 water water
#
loop_
_entity_poly.entity_id
_entity_poly.type
_entity_poly.pdbx_seq_one_letter_code
_entity_poly.pdbx_strand_id
1 'polypeptide(L)'
;DIVMTQSHKFMSTSVGDRVSITCKASQVGTALAWYQQKPGQSPKLLIYWASTRHTGVPDRFTGSGSGTDFTLTISNVQSE
DLSDYFCQQYSSYPTFGGGTKLEIKRADAAPTVSIFPPSSEQLTSGGASVVCFLNNFYPKDINVKWKIDGSERQNGVLNS
ETDQDSKDSTYSMSSTLTLTKDEYERHNSYTCEATHKTSTSPIVKSFNRA
;
A,C
2 'polypeptide(L)'
;VKLQESGGEVVRPGTSVKVSCKASGYAFTNYLIEWVKQRPGQGLEWIGVINPGSGDTNYNEKFKGKATLTADKSSSTAYM
QLNSLTSDDSAVYFCARSGAAAPTYYAMDYWGQGVSVTVSSAKTTPPSVYPLAPAAAAANSMVTLGCLVKGYFPEPVTVT
WNSGSLSGGVHTFPAVLQSDLYTLSSSVTVPSSTWPSETVTCNVAHPASSTKVDKKIVPR
;
B,D
3 'polypeptide(L)' PHGGSWGQPHGGSWGQ I,J
#
# COMPACT_ATOMS: atom_id res chain seq x y z
N ASP A 1 0.47 -12.69 37.82
CA ASP A 1 0.04 -12.85 36.45
C ASP A 1 -0.77 -11.66 35.94
N ILE A 2 -0.11 -10.61 35.48
CA ILE A 2 -0.83 -9.50 34.93
C ILE A 2 -1.57 -9.91 33.69
N VAL A 3 -2.73 -9.36 33.47
CA VAL A 3 -3.50 -9.72 32.31
C VAL A 3 -3.78 -8.54 31.42
N MET A 4 -3.59 -8.73 30.14
CA MET A 4 -3.77 -7.65 29.23
C MET A 4 -4.94 -7.88 28.31
N THR A 5 -5.83 -6.89 28.30
CA THR A 5 -7.02 -6.94 27.46
C THR A 5 -7.12 -5.81 26.49
N GLN A 6 -7.38 -6.13 25.25
CA GLN A 6 -7.79 -5.12 24.31
C GLN A 6 -9.22 -5.39 24.00
N SER A 7 -10.11 -4.49 24.38
CA SER A 7 -11.52 -4.81 24.35
C SER A 7 -12.21 -4.56 23.05
N HIS A 8 -12.18 -3.36 22.54
CA HIS A 8 -12.78 -3.16 21.23
C HIS A 8 -11.77 -4.00 20.46
N LYS A 9 -12.15 -4.79 19.45
CA LYS A 9 -11.26 -5.81 18.85
C LYS A 9 -11.05 -5.96 17.32
N PHE A 10 -11.83 -5.22 16.56
CA PHE A 10 -11.58 -4.88 15.19
C PHE A 10 -11.83 -3.40 15.23
N MET A 11 -11.20 -2.64 14.36
CA MET A 11 -11.53 -1.24 14.19
C MET A 11 -11.53 -0.92 12.74
N SER A 12 -12.36 0.04 12.35
CA SER A 12 -12.49 0.45 10.97
C SER A 12 -12.01 1.87 10.83
N THR A 13 -11.42 2.17 9.69
CA THR A 13 -10.83 3.47 9.43
C THR A 13 -10.71 3.73 7.95
N SER A 14 -10.54 4.97 7.55
CA SER A 14 -10.39 5.29 6.15
C SER A 14 -8.98 5.77 5.93
N VAL A 15 -8.42 5.54 4.76
CA VAL A 15 -7.05 5.97 4.59
C VAL A 15 -7.01 7.46 4.78
N GLY A 16 -6.07 7.91 5.58
CA GLY A 16 -5.94 9.30 5.97
C GLY A 16 -6.65 9.67 7.23
N ASP A 17 -7.41 8.77 7.78
CA ASP A 17 -8.14 8.98 9.00
C ASP A 17 -7.29 8.73 10.21
N ARG A 18 -7.84 8.95 11.38
CA ARG A 18 -7.12 8.68 12.60
C ARG A 18 -7.86 7.65 13.39
N VAL A 19 -7.15 6.72 14.01
CA VAL A 19 -7.75 5.72 14.85
C VAL A 19 -6.98 5.43 16.12
N SER A 20 -7.67 5.11 17.20
CA SER A 20 -7.00 4.85 18.44
C SER A 20 -7.30 3.46 18.94
N ILE A 21 -6.29 2.79 19.46
CA ILE A 21 -6.42 1.44 19.95
C ILE A 21 -6.20 1.37 21.45
N THR A 22 -7.13 0.80 22.18
CA THR A 22 -7.06 0.85 23.62
C THR A 22 -6.50 -0.41 24.22
N CYS A 23 -5.83 -0.25 25.33
CA CYS A 23 -5.27 -1.37 25.99
C CYS A 23 -5.43 -1.29 27.49
N LYS A 24 -5.85 -2.37 28.13
CA LYS A 24 -6.10 -2.34 29.56
C LYS A 24 -5.22 -3.31 30.27
N ALA A 25 -4.91 -3.00 31.51
CA ALA A 25 -4.14 -3.89 32.31
C ALA A 25 -4.85 -4.14 33.58
N SER A 26 -4.56 -5.27 34.18
CA SER A 26 -5.16 -5.66 35.42
C SER A 26 -4.39 -5.16 36.61
N GLN A 27 -3.26 -4.54 36.37
CA GLN A 27 -2.49 -3.84 37.39
C GLN A 27 -1.58 -2.81 36.79
N VAL A 28 -1.05 -1.89 37.58
CA VAL A 28 -0.30 -0.73 37.11
C VAL A 28 1.06 -0.99 36.47
N GLY A 29 1.52 -0.04 35.64
CA GLY A 29 2.92 0.19 35.23
C GLY A 29 3.21 1.48 34.44
N THR A 30 4.46 1.80 34.16
CA THR A 30 4.79 2.52 32.94
C THR A 30 5.39 1.61 31.87
N ALA A 31 5.50 0.33 32.14
CA ALA A 31 6.16 -0.59 31.23
C ALA A 31 5.24 -1.26 30.23
N LEU A 32 5.00 -0.60 29.12
CA LEU A 32 4.12 -1.09 28.13
C LEU A 32 4.67 -0.97 26.74
N ALA A 33 4.46 -1.93 25.90
CA ALA A 33 4.95 -1.81 24.59
C ALA A 33 3.86 -2.07 23.60
N TRP A 34 4.00 -1.53 22.42
CA TRP A 34 3.06 -1.76 21.36
C TRP A 34 3.77 -2.35 20.18
N TYR A 35 3.07 -3.21 19.47
CA TYR A 35 3.63 -4.02 18.42
C TYR A 35 2.73 -4.05 17.23
N GLN A 36 3.29 -4.24 16.05
CA GLN A 36 2.54 -4.43 14.83
C GLN A 36 2.86 -5.77 14.15
N GLN A 37 1.84 -6.56 13.88
CA GLN A 37 2.06 -7.78 13.11
C GLN A 37 1.23 -7.90 11.85
N LYS A 38 1.92 -8.01 10.75
CA LYS A 38 1.31 -8.34 9.49
C LYS A 38 1.24 -9.83 9.40
N PRO A 39 0.22 -10.33 8.73
CA PRO A 39 0.05 -11.77 8.65
C PRO A 39 1.22 -12.43 8.00
N GLY A 40 1.70 -13.53 8.58
CA GLY A 40 2.84 -14.23 8.05
C GLY A 40 4.17 -13.56 8.32
N GLN A 41 4.14 -12.59 9.21
CA GLN A 41 5.27 -11.80 9.56
C GLN A 41 5.44 -11.82 11.06
N SER A 42 6.64 -11.53 11.49
CA SER A 42 6.92 -11.34 12.87
C SER A 42 6.51 -9.96 13.29
N PRO A 43 6.20 -9.81 14.54
CA PRO A 43 5.84 -8.54 15.12
C PRO A 43 6.95 -7.54 15.06
N LYS A 44 6.60 -6.29 14.89
CA LYS A 44 7.56 -5.25 14.94
C LYS A 44 7.15 -4.33 16.04
N LEU A 45 8.10 -3.97 16.88
CA LEU A 45 7.89 -3.05 17.97
C LEU A 45 7.66 -1.63 17.48
N LEU A 46 6.66 -0.97 18.03
CA LEU A 46 6.36 0.39 17.65
C LEU A 46 6.72 1.34 18.74
N ILE A 47 6.32 1.00 19.94
CA ILE A 47 6.42 1.88 21.03
C ILE A 47 6.77 1.13 22.26
N TYR A 48 7.64 1.72 23.05
CA TYR A 48 8.06 1.21 24.32
C TYR A 48 8.04 2.26 25.39
N TRP A 49 7.98 1.78 26.61
CA TRP A 49 7.90 2.58 27.79
C TRP A 49 6.71 3.46 27.68
N ALA A 50 5.69 2.93 27.05
CA ALA A 50 4.42 3.58 26.89
C ALA A 50 4.37 4.66 25.84
N SER A 51 5.31 5.59 25.83
CA SER A 51 5.30 6.67 24.86
C SER A 51 6.50 6.86 23.94
N THR A 52 7.40 5.91 23.87
CA THR A 52 8.58 6.17 23.12
C THR A 52 8.72 5.35 21.86
N ARG A 53 8.91 6.04 20.75
CA ARG A 53 8.99 5.40 19.47
C ARG A 53 10.24 4.60 19.30
N HIS A 54 10.09 3.42 18.76
CA HIS A 54 11.21 2.64 18.42
C HIS A 54 11.83 3.24 17.21
N THR A 55 13.05 2.89 16.95
CA THR A 55 13.76 3.40 15.83
C THR A 55 13.08 3.07 14.56
N GLY A 56 12.91 4.04 13.72
CA GLY A 56 12.39 3.84 12.40
C GLY A 56 10.90 3.98 12.28
N VAL A 57 10.21 4.00 13.41
CA VAL A 57 8.79 4.10 13.41
C VAL A 57 8.45 5.51 13.01
N PRO A 58 7.48 5.65 12.14
CA PRO A 58 7.05 6.96 11.69
C PRO A 58 6.32 7.66 12.81
N ASP A 59 6.24 8.98 12.70
CA ASP A 59 5.66 9.90 13.65
C ASP A 59 4.15 9.86 13.84
N ARG A 60 3.44 9.36 12.87
CA ARG A 60 2.01 9.24 12.96
C ARG A 60 1.65 8.17 13.96
N PHE A 61 2.63 7.46 14.47
CA PHE A 61 2.37 6.55 15.54
C PHE A 61 2.74 7.17 16.85
N THR A 62 1.80 7.33 17.75
CA THR A 62 2.11 7.75 19.08
C THR A 62 1.39 6.90 20.07
N GLY A 63 1.96 6.77 21.25
CA GLY A 63 1.40 6.02 22.32
C GLY A 63 1.36 6.80 23.60
N SER A 64 0.33 6.58 24.39
CA SER A 64 0.15 7.33 25.60
C SER A 64 -0.49 6.51 26.67
N GLY A 65 -0.42 7.00 27.90
CA GLY A 65 -1.03 6.35 29.03
C GLY A 65 -0.01 5.95 30.04
N SER A 66 -0.50 5.53 31.19
CA SER A 66 0.29 5.06 32.29
C SER A 66 -0.64 4.23 33.14
N GLY A 67 -0.14 3.48 34.10
CA GLY A 67 -1.02 2.75 34.98
C GLY A 67 -1.77 1.60 34.36
N THR A 68 -3.09 1.67 34.33
CA THR A 68 -3.87 0.60 33.74
C THR A 68 -4.49 0.84 32.38
N ASP A 69 -4.42 2.04 31.86
CA ASP A 69 -4.97 2.28 30.55
C ASP A 69 -3.95 2.84 29.60
N PHE A 70 -3.93 2.33 28.38
CA PHE A 70 -2.95 2.73 27.39
C PHE A 70 -3.55 2.86 26.03
N THR A 71 -3.01 3.74 25.22
CA THR A 71 -3.55 3.94 23.90
C THR A 71 -2.51 3.97 22.85
N LEU A 72 -2.76 3.33 21.73
CA LEU A 72 -1.91 3.48 20.60
C LEU A 72 -2.71 4.23 19.58
N THR A 73 -2.14 5.29 19.05
CA THR A 73 -2.85 6.13 18.14
C THR A 73 -2.13 6.23 16.83
N ILE A 74 -2.85 6.00 15.75
CA ILE A 74 -2.29 6.11 14.43
C ILE A 74 -3.10 7.09 13.65
N SER A 75 -2.45 8.06 13.07
CA SER A 75 -3.16 9.09 12.37
C SER A 75 -2.68 9.06 10.98
N ASN A 76 -3.45 9.61 10.09
CA ASN A 76 -3.11 9.63 8.70
C ASN A 76 -2.80 8.24 8.21
N VAL A 77 -3.69 7.34 8.51
CA VAL A 77 -3.51 5.92 8.27
C VAL A 77 -3.23 5.63 6.83
N GLN A 78 -2.29 4.76 6.56
CA GLN A 78 -1.97 4.39 5.21
C GLN A 78 -2.42 2.97 5.04
N SER A 79 -2.48 2.54 3.80
CA SER A 79 -2.93 1.20 3.48
C SER A 79 -2.03 0.19 4.14
N GLU A 80 -0.76 0.51 4.22
CA GLU A 80 0.19 -0.38 4.83
C GLU A 80 0.00 -0.54 6.31
N ASP A 81 -0.77 0.31 6.94
CA ASP A 81 -1.01 0.21 8.36
C ASP A 81 -2.13 -0.75 8.72
N LEU A 82 -2.77 -1.33 7.73
CA LEU A 82 -3.89 -2.19 8.04
C LEU A 82 -3.32 -3.48 8.57
N SER A 83 -3.67 -3.86 9.78
CA SER A 83 -2.99 -4.99 10.40
C SER A 83 -3.31 -5.21 11.86
N ASP A 84 -2.54 -6.06 12.49
CA ASP A 84 -2.73 -6.43 13.86
C ASP A 84 -1.88 -5.62 14.85
N TYR A 85 -2.50 -5.17 15.94
CA TYR A 85 -1.81 -4.46 16.98
C TYR A 85 -2.09 -5.03 18.33
N PHE A 86 -1.06 -5.26 19.11
CA PHE A 86 -1.16 -5.68 20.48
C PHE A 86 -0.13 -5.03 21.41
N CYS A 87 -0.46 -5.00 22.67
CA CYS A 87 0.33 -4.41 23.69
C CYS A 87 1.01 -5.49 24.45
N GLN A 88 2.07 -5.16 25.17
CA GLN A 88 2.73 -6.06 26.08
C GLN A 88 3.21 -5.37 27.32
N GLN A 89 3.10 -6.00 28.47
CA GLN A 89 3.59 -5.39 29.69
C GLN A 89 4.81 -6.08 30.19
N TYR A 90 5.77 -5.31 30.67
CA TYR A 90 6.95 -5.87 31.25
C TYR A 90 7.16 -5.49 32.67
N SER A 91 6.11 -5.03 33.30
CA SER A 91 6.13 -4.72 34.72
C SER A 91 6.41 -5.93 35.54
N SER A 92 5.78 -7.02 35.17
CA SER A 92 6.07 -8.32 35.67
C SER A 92 6.35 -9.14 34.43
N TYR A 93 6.41 -10.46 34.53
CA TYR A 93 6.88 -11.24 33.41
C TYR A 93 5.92 -11.05 32.30
N PRO A 94 6.40 -10.99 31.11
CA PRO A 94 5.64 -10.47 30.00
C PRO A 94 4.40 -11.26 29.64
N THR A 95 3.35 -10.49 29.44
CA THR A 95 2.08 -10.97 29.00
C THR A 95 1.64 -10.02 27.91
N PHE A 96 0.86 -10.50 26.97
CA PHE A 96 0.51 -9.73 25.82
C PHE A 96 -0.97 -9.62 25.68
N GLY A 97 -1.39 -8.59 25.00
CA GLY A 97 -2.77 -8.42 24.64
C GLY A 97 -3.26 -9.28 23.52
N GLY A 98 -4.56 -9.44 23.45
CA GLY A 98 -5.20 -10.20 22.43
C GLY A 98 -5.00 -9.66 21.05
N GLY A 99 -4.95 -8.36 20.94
CA GLY A 99 -4.70 -7.71 19.69
C GLY A 99 -5.94 -7.14 19.10
N THR A 100 -5.77 -6.15 18.26
CA THR A 100 -6.83 -5.50 17.54
C THR A 100 -6.49 -5.50 16.10
N LYS A 101 -7.41 -5.83 15.26
CA LYS A 101 -7.13 -5.85 13.85
C LYS A 101 -7.75 -4.64 13.18
N LEU A 102 -7.06 -4.06 12.24
CA LEU A 102 -7.50 -2.82 11.67
C LEU A 102 -8.06 -3.05 10.32
N GLU A 103 -9.21 -2.45 10.05
CA GLU A 103 -9.89 -2.66 8.79
C GLU A 103 -10.26 -1.35 8.11
N ILE A 104 -10.29 -1.37 6.79
CA ILE A 104 -10.63 -0.22 5.99
C ILE A 104 -12.10 -0.18 5.60
N LYS A 105 -12.74 0.94 5.80
CA LYS A 105 -14.13 1.11 5.45
C LYS A 105 -14.30 1.28 3.96
N ARG A 106 -15.43 0.90 3.42
CA ARG A 106 -15.65 1.04 2.01
C ARG A 106 -17.12 0.96 1.67
N ALA A 107 -17.44 1.15 0.41
CA ALA A 107 -18.77 0.94 -0.07
C ALA A 107 -19.21 -0.52 0.06
N ASP A 108 -20.43 -0.72 0.47
CA ASP A 108 -20.97 -2.03 0.65
C ASP A 108 -20.92 -2.76 -0.66
N ALA A 109 -20.61 -4.04 -0.63
CA ALA A 109 -20.65 -4.79 -1.85
C ALA A 109 -21.25 -6.13 -1.64
N ALA A 110 -22.02 -6.56 -2.60
CA ALA A 110 -22.66 -7.86 -2.58
C ALA A 110 -21.70 -8.90 -3.11
N PRO A 111 -21.80 -10.09 -2.57
CA PRO A 111 -20.89 -11.16 -2.95
C PRO A 111 -21.18 -11.75 -4.29
N THR A 112 -20.15 -12.04 -5.03
CA THR A 112 -20.42 -12.81 -6.19
C THR A 112 -20.18 -14.24 -5.81
N VAL A 113 -21.19 -15.05 -5.99
CA VAL A 113 -21.17 -16.41 -5.57
C VAL A 113 -21.01 -17.30 -6.77
N SER A 114 -20.20 -18.33 -6.66
CA SER A 114 -20.09 -19.31 -7.72
C SER A 114 -20.06 -20.67 -7.14
N ILE A 115 -20.73 -21.61 -7.75
CA ILE A 115 -20.85 -22.93 -7.20
C ILE A 115 -20.32 -23.93 -8.18
N PHE A 116 -19.63 -24.94 -7.67
CA PHE A 116 -19.01 -25.98 -8.47
C PHE A 116 -19.28 -27.40 -8.04
N PRO A 117 -19.69 -28.23 -8.96
CA PRO A 117 -19.87 -29.64 -8.69
C PRO A 117 -18.54 -30.34 -8.58
N PRO A 118 -18.54 -31.51 -8.01
CA PRO A 118 -17.32 -32.29 -7.89
C PRO A 118 -16.75 -32.62 -9.24
N SER A 119 -15.44 -32.53 -9.32
CA SER A 119 -14.75 -32.86 -10.51
C SER A 119 -14.81 -34.33 -10.77
N SER A 120 -14.75 -34.71 -12.02
CA SER A 120 -14.77 -36.08 -12.41
C SER A 120 -13.59 -36.77 -11.78
N GLU A 121 -12.50 -36.05 -11.67
CA GLU A 121 -11.33 -36.60 -11.07
C GLU A 121 -11.54 -37.01 -9.62
N GLN A 122 -12.18 -36.20 -8.82
CA GLN A 122 -12.47 -36.59 -7.49
C GLN A 122 -13.45 -37.76 -7.52
N LEU A 123 -14.43 -37.71 -8.39
CA LEU A 123 -15.38 -38.79 -8.39
C LEU A 123 -14.74 -40.11 -8.70
N THR A 124 -13.81 -40.14 -9.62
CA THR A 124 -13.14 -41.38 -9.96
C THR A 124 -12.30 -41.95 -8.80
N SER A 125 -11.82 -41.10 -7.95
CA SER A 125 -11.08 -41.55 -6.82
C SER A 125 -11.98 -41.77 -5.63
N GLY A 126 -13.27 -41.70 -5.84
CA GLY A 126 -14.22 -41.99 -4.80
C GLY A 126 -14.67 -40.99 -3.78
N GLY A 127 -14.49 -39.71 -4.03
CA GLY A 127 -14.94 -38.69 -3.12
C GLY A 127 -15.70 -37.63 -3.86
N ALA A 128 -16.53 -36.87 -3.18
CA ALA A 128 -17.17 -35.74 -3.82
C ALA A 128 -17.09 -34.50 -2.99
N SER A 129 -16.78 -33.37 -3.58
CA SER A 129 -16.78 -32.12 -2.89
C SER A 129 -17.46 -31.07 -3.70
N VAL A 130 -18.32 -30.30 -3.06
CA VAL A 130 -19.05 -29.25 -3.73
C VAL A 130 -18.58 -27.95 -3.17
N VAL A 131 -18.16 -27.05 -4.03
CA VAL A 131 -17.48 -25.85 -3.59
C VAL A 131 -18.29 -24.65 -3.94
N CYS A 132 -18.43 -23.77 -2.98
CA CYS A 132 -19.12 -22.53 -3.18
C CYS A 132 -18.15 -21.42 -2.88
N PHE A 133 -17.98 -20.49 -3.79
CA PHE A 133 -17.16 -19.33 -3.52
C PHE A 133 -18.03 -18.10 -3.31
N LEU A 134 -17.74 -17.33 -2.28
CA LEU A 134 -18.38 -16.06 -2.11
C LEU A 134 -17.32 -15.03 -2.08
N ASN A 135 -17.29 -14.19 -3.08
CA ASN A 135 -16.14 -13.37 -3.36
C ASN A 135 -16.34 -11.90 -3.49
N ASN A 136 -15.34 -11.16 -3.04
CA ASN A 136 -15.38 -9.73 -3.16
C ASN A 136 -16.60 -9.05 -2.53
N PHE A 137 -16.76 -9.16 -1.24
CA PHE A 137 -17.92 -8.61 -0.59
C PHE A 137 -17.53 -7.81 0.61
N TYR A 138 -18.28 -6.77 0.93
CA TYR A 138 -18.09 -6.00 2.15
C TYR A 138 -19.45 -5.56 2.62
N PRO A 139 -19.68 -5.53 3.90
CA PRO A 139 -18.77 -5.83 4.97
C PRO A 139 -18.62 -7.29 5.29
N LYS A 140 -17.78 -7.54 6.30
CA LYS A 140 -17.22 -8.82 6.62
C LYS A 140 -18.17 -9.90 7.04
N ASP A 141 -19.21 -9.54 7.77
CA ASP A 141 -20.16 -10.50 8.29
C ASP A 141 -20.97 -11.17 7.21
N ILE A 142 -21.13 -12.48 7.27
CA ILE A 142 -21.86 -13.15 6.21
C ILE A 142 -22.37 -14.51 6.60
N ASN A 143 -23.36 -15.03 5.91
CA ASN A 143 -23.89 -16.37 6.16
C ASN A 143 -23.98 -17.23 4.92
N VAL A 144 -23.56 -18.46 5.01
CA VAL A 144 -23.72 -19.35 3.90
C VAL A 144 -24.45 -20.59 4.32
N LYS A 145 -25.43 -20.99 3.54
CA LYS A 145 -26.26 -22.12 3.81
C LYS A 145 -26.20 -23.13 2.69
N TRP A 146 -26.00 -24.39 3.02
CA TRP A 146 -26.00 -25.41 2.01
C TRP A 146 -27.31 -26.16 2.02
N LYS A 147 -27.92 -26.34 0.86
CA LYS A 147 -29.16 -27.10 0.73
C LYS A 147 -29.13 -28.24 -0.28
N ILE A 148 -29.47 -29.44 0.16
CA ILE A 148 -29.57 -30.57 -0.73
C ILE A 148 -30.98 -31.05 -0.88
N ASP A 149 -31.46 -30.99 -2.11
CA ASP A 149 -32.83 -31.31 -2.43
C ASP A 149 -33.81 -30.62 -1.51
N GLY A 150 -33.64 -29.34 -1.30
CA GLY A 150 -34.51 -28.55 -0.48
C GLY A 150 -34.22 -28.48 0.98
N SER A 151 -33.42 -29.44 1.43
CA SER A 151 -33.02 -29.59 2.81
C SER A 151 -31.71 -28.92 3.15
N GLU A 152 -31.69 -28.22 4.27
CA GLU A 152 -30.45 -27.68 4.79
C GLU A 152 -29.53 -28.77 5.33
N ARG A 153 -28.26 -28.70 4.97
CA ARG A 153 -27.30 -29.71 5.35
C ARG A 153 -26.20 -29.06 6.16
N GLN A 154 -26.02 -29.45 7.40
CA GLN A 154 -25.10 -28.73 8.23
C GLN A 154 -23.75 -29.39 8.45
N ASN A 155 -23.72 -30.69 8.50
CA ASN A 155 -22.46 -31.37 8.62
C ASN A 155 -21.75 -31.65 7.31
N GLY A 156 -20.44 -31.78 7.37
CA GLY A 156 -19.60 -31.89 6.19
C GLY A 156 -19.16 -30.60 5.53
N VAL A 157 -19.39 -29.50 6.21
CA VAL A 157 -19.10 -28.20 5.66
C VAL A 157 -17.86 -27.66 6.33
N LEU A 158 -16.90 -27.22 5.55
CA LEU A 158 -15.73 -26.57 6.08
C LEU A 158 -15.64 -25.21 5.48
N ASN A 159 -15.25 -24.24 6.28
CA ASN A 159 -15.24 -22.86 5.85
C ASN A 159 -13.93 -22.13 5.96
N SER A 160 -13.57 -21.44 4.93
CA SER A 160 -12.42 -20.58 4.99
C SER A 160 -12.70 -19.14 4.58
N GLU A 161 -12.05 -18.23 5.26
CA GLU A 161 -12.23 -16.81 5.01
C GLU A 161 -10.90 -16.17 4.74
N THR A 162 -10.84 -15.25 3.78
CA THR A 162 -9.64 -14.47 3.53
C THR A 162 -9.55 -13.27 4.43
N ASP A 163 -8.36 -12.72 4.57
CA ASP A 163 -8.16 -11.46 5.24
C ASP A 163 -8.52 -10.37 4.25
N GLN A 164 -8.83 -9.17 4.72
CA GLN A 164 -9.30 -8.10 3.85
C GLN A 164 -8.33 -7.78 2.72
N ASP A 165 -8.83 -7.63 1.52
CA ASP A 165 -7.95 -7.45 0.39
C ASP A 165 -7.19 -6.16 0.47
N SER A 166 -5.91 -6.19 0.15
CA SER A 166 -5.13 -4.97 0.07
C SER A 166 -5.54 -4.05 -1.06
N LYS A 167 -5.76 -4.64 -2.22
CA LYS A 167 -6.16 -3.87 -3.37
C LYS A 167 -7.56 -3.22 -3.40
N ASP A 168 -8.59 -3.90 -2.95
CA ASP A 168 -9.93 -3.28 -2.97
C ASP A 168 -10.70 -3.29 -1.67
N SER A 169 -10.11 -3.77 -0.61
CA SER A 169 -10.78 -3.75 0.66
C SER A 169 -12.05 -4.59 0.79
N THR A 170 -12.18 -5.60 -0.06
CA THR A 170 -13.25 -6.58 0.03
C THR A 170 -12.85 -7.84 0.74
N TYR A 171 -13.82 -8.66 1.07
CA TYR A 171 -13.58 -9.87 1.81
C TYR A 171 -14.01 -11.04 0.96
N SER A 172 -13.49 -12.22 1.23
CA SER A 172 -13.86 -13.38 0.47
C SER A 172 -14.05 -14.65 1.27
N MET A 173 -14.93 -15.52 0.83
CA MET A 173 -15.21 -16.72 1.59
C MET A 173 -15.30 -17.99 0.80
N SER A 174 -14.86 -19.09 1.38
CA SER A 174 -14.93 -20.35 0.70
C SER A 174 -15.67 -21.41 1.48
N SER A 175 -16.59 -22.10 0.85
CA SER A 175 -17.33 -23.14 1.52
C SER A 175 -17.33 -24.51 0.85
N THR A 176 -16.87 -25.51 1.55
CA THR A 176 -16.76 -26.83 0.95
C THR A 176 -17.61 -27.87 1.60
N LEU A 177 -18.38 -28.55 0.79
CA LEU A 177 -19.23 -29.59 1.29
C LEU A 177 -18.72 -30.90 0.79
N THR A 178 -18.34 -31.75 1.71
CA THR A 178 -17.76 -33.02 1.40
C THR A 178 -18.68 -34.18 1.74
N LEU A 179 -18.95 -34.99 0.73
CA LEU A 179 -19.88 -36.06 0.83
C LEU A 179 -19.22 -37.28 0.32
N THR A 180 -19.70 -38.43 0.73
CA THR A 180 -19.27 -39.65 0.13
C THR A 180 -19.82 -39.65 -1.26
N LYS A 181 -19.19 -40.37 -2.14
CA LYS A 181 -19.66 -40.40 -3.49
C LYS A 181 -21.07 -40.91 -3.45
N ASP A 182 -21.34 -41.83 -2.52
CA ASP A 182 -22.66 -42.40 -2.41
C ASP A 182 -23.86 -41.50 -2.04
N GLU A 183 -23.82 -40.60 -1.05
CA GLU A 183 -24.95 -39.64 -0.90
C GLU A 183 -24.89 -38.61 -2.02
N TYR A 184 -23.74 -38.38 -2.61
CA TYR A 184 -23.74 -37.41 -3.68
C TYR A 184 -24.60 -37.87 -4.83
N GLU A 185 -24.45 -39.11 -5.23
CA GLU A 185 -25.25 -39.67 -6.28
C GLU A 185 -26.70 -39.78 -5.87
N ARG A 186 -26.92 -39.98 -4.58
CA ARG A 186 -28.23 -40.12 -4.01
C ARG A 186 -29.15 -38.90 -4.14
N HIS A 187 -28.61 -37.71 -4.22
CA HIS A 187 -29.45 -36.54 -4.33
C HIS A 187 -29.23 -35.79 -5.64
N ASN A 188 -30.17 -34.95 -6.04
CA ASN A 188 -30.04 -34.24 -7.29
C ASN A 188 -29.71 -32.77 -7.25
N SER A 189 -30.25 -32.03 -6.30
CA SER A 189 -30.11 -30.60 -6.35
C SER A 189 -29.24 -30.07 -5.28
N TYR A 190 -28.32 -29.24 -5.65
CA TYR A 190 -27.31 -28.79 -4.73
C TYR A 190 -27.25 -27.27 -4.77
N THR A 191 -27.36 -26.61 -3.64
CA THR A 191 -27.35 -25.15 -3.65
C THR A 191 -26.53 -24.39 -2.58
N CYS A 192 -25.87 -23.34 -3.02
CA CYS A 192 -25.19 -22.52 -2.08
C CYS A 192 -25.97 -21.24 -1.95
N GLU A 193 -26.21 -20.89 -0.71
CA GLU A 193 -27.13 -19.81 -0.42
C GLU A 193 -26.46 -18.80 0.48
N ALA A 194 -26.34 -17.57 0.02
CA ALA A 194 -25.72 -16.54 0.83
C ALA A 194 -26.62 -15.39 1.18
N THR A 195 -26.61 -15.03 2.45
CA THR A 195 -27.33 -13.88 2.89
C THR A 195 -26.35 -12.94 3.48
N HIS A 196 -26.41 -11.72 3.00
CA HIS A 196 -25.49 -10.69 3.36
C HIS A 196 -26.30 -9.44 3.51
N LYS A 197 -25.82 -8.53 4.30
CA LYS A 197 -26.57 -7.34 4.59
C LYS A 197 -26.84 -6.51 3.35
N THR A 198 -26.03 -6.64 2.32
CA THR A 198 -26.34 -5.87 1.12
C THR A 198 -27.69 -6.32 0.59
N SER A 199 -28.09 -7.55 0.87
CA SER A 199 -29.49 -7.87 0.63
C SER A 199 -30.26 -8.67 1.64
N THR A 200 -31.51 -8.29 1.72
CA THR A 200 -32.48 -8.87 2.59
C THR A 200 -32.69 -10.28 2.16
N SER A 201 -32.55 -10.53 0.87
CA SER A 201 -32.81 -11.84 0.32
C SER A 201 -31.61 -12.50 -0.30
N PRO A 202 -31.41 -13.78 0.03
CA PRO A 202 -30.18 -14.50 -0.24
C PRO A 202 -29.85 -14.65 -1.69
N ILE A 203 -28.56 -14.58 -1.98
CA ILE A 203 -28.10 -14.87 -3.31
C ILE A 203 -27.91 -16.35 -3.38
N VAL A 204 -28.53 -16.97 -4.35
CA VAL A 204 -28.66 -18.40 -4.38
C VAL A 204 -28.06 -19.01 -5.62
N LYS A 205 -27.22 -20.01 -5.48
CA LYS A 205 -26.67 -20.65 -6.63
C LYS A 205 -26.88 -22.15 -6.59
N SER A 206 -27.25 -22.74 -7.71
CA SER A 206 -27.61 -24.14 -7.76
C SER A 206 -27.16 -24.89 -8.98
N PHE A 207 -27.08 -26.20 -8.85
CA PHE A 207 -26.94 -27.06 -9.98
C PHE A 207 -27.73 -28.34 -9.76
N ASN A 208 -28.07 -28.99 -10.84
CA ASN A 208 -28.83 -30.20 -10.81
C ASN A 208 -27.97 -31.21 -11.49
N ARG A 209 -28.07 -32.46 -11.09
CA ARG A 209 -27.34 -33.50 -11.76
C ARG A 209 -28.16 -34.20 -12.83
N VAL B 1 21.95 -6.49 10.54
CA VAL B 1 21.46 -6.74 11.88
C VAL B 1 20.22 -7.60 11.95
N LYS B 2 20.38 -8.88 12.23
CA LYS B 2 19.26 -9.80 12.22
C LYS B 2 19.30 -10.97 13.16
N LEU B 3 18.14 -11.58 13.31
CA LEU B 3 17.99 -12.86 13.92
C LEU B 3 17.46 -13.87 12.94
N GLN B 4 18.17 -14.94 12.75
CA GLN B 4 17.75 -15.95 11.82
C GLN B 4 17.49 -17.25 12.54
N GLU B 5 16.31 -17.74 12.36
CA GLU B 5 15.89 -18.93 12.99
C GLU B 5 15.96 -20.06 12.01
N SER B 6 15.99 -21.23 12.57
CA SER B 6 16.01 -22.47 11.85
C SER B 6 14.71 -22.75 11.20
N GLY B 7 14.74 -23.59 10.21
CA GLY B 7 13.59 -23.89 9.41
C GLY B 7 12.53 -24.64 10.17
N GLY B 8 11.34 -24.63 9.60
CA GLY B 8 10.21 -25.30 10.16
C GLY B 8 10.36 -26.79 10.24
N GLU B 9 9.76 -27.32 11.27
CA GLU B 9 9.87 -28.70 11.59
C GLU B 9 8.54 -29.38 11.61
N VAL B 10 8.55 -30.64 11.23
CA VAL B 10 7.47 -31.53 11.50
C VAL B 10 8.04 -32.60 12.37
N VAL B 11 7.38 -32.86 13.48
CA VAL B 11 7.87 -33.80 14.44
C VAL B 11 6.75 -34.60 15.04
N ARG B 12 7.09 -35.69 15.71
CA ARG B 12 6.11 -36.59 16.20
C ARG B 12 5.97 -36.40 17.66
N PRO B 13 4.79 -36.66 18.15
CA PRO B 13 4.49 -36.45 19.55
C PRO B 13 5.33 -37.31 20.45
N GLY B 14 5.79 -36.74 21.55
CA GLY B 14 6.63 -37.44 22.49
C GLY B 14 8.09 -37.37 22.17
N THR B 15 8.42 -36.72 21.08
CA THR B 15 9.77 -36.40 20.78
C THR B 15 10.14 -35.02 21.27
N SER B 16 11.33 -34.59 20.89
CA SER B 16 11.91 -33.35 21.32
C SER B 16 12.36 -32.62 20.12
N VAL B 17 12.37 -31.30 20.17
CA VAL B 17 12.85 -30.48 19.08
C VAL B 17 13.76 -29.38 19.57
N LYS B 18 14.74 -29.01 18.78
CA LYS B 18 15.60 -27.91 19.16
C LYS B 18 15.64 -26.86 18.07
N VAL B 19 15.34 -25.62 18.39
CA VAL B 19 15.30 -24.59 17.36
C VAL B 19 16.36 -23.55 17.57
N SER B 20 16.96 -23.04 16.51
CA SER B 20 18.03 -22.09 16.66
C SER B 20 17.77 -20.65 16.23
N CYS B 21 18.20 -19.68 17.02
CA CYS B 21 18.21 -18.26 16.67
C CYS B 21 19.68 -17.88 16.45
N LYS B 22 20.06 -17.46 15.27
CA LYS B 22 21.41 -16.99 15.09
C LYS B 22 21.53 -15.48 14.95
N ALA B 23 22.28 -14.87 15.84
CA ALA B 23 22.34 -13.44 15.91
C ALA B 23 23.49 -12.77 15.17
N SER B 24 23.17 -11.76 14.40
CA SER B 24 24.17 -11.03 13.69
C SER B 24 23.91 -9.56 13.75
N GLY B 25 24.97 -8.80 13.59
CA GLY B 25 24.87 -7.37 13.50
C GLY B 25 24.86 -6.59 14.78
N TYR B 26 25.14 -7.24 15.89
CA TYR B 26 25.17 -6.56 17.15
C TYR B 26 25.90 -7.41 18.16
N ALA B 27 26.03 -6.93 19.37
CA ALA B 27 26.75 -7.67 20.38
C ALA B 27 25.89 -8.65 21.11
N PHE B 28 26.07 -9.90 20.79
CA PHE B 28 25.19 -10.97 21.17
C PHE B 28 25.16 -11.07 22.66
N THR B 29 26.30 -10.93 23.30
CA THR B 29 26.34 -11.02 24.73
C THR B 29 25.78 -9.88 25.52
N ASN B 30 25.55 -8.72 24.93
CA ASN B 30 25.00 -7.65 25.74
C ASN B 30 23.48 -7.61 25.78
N TYR B 31 22.83 -8.40 24.99
CA TYR B 31 21.40 -8.33 24.96
C TYR B 31 20.76 -9.64 25.26
N LEU B 32 19.71 -9.60 26.04
CA LEU B 32 18.88 -10.72 26.35
C LEU B 32 18.19 -11.25 25.13
N ILE B 33 18.03 -12.55 25.10
CA ILE B 33 17.28 -13.21 24.06
C ILE B 33 16.02 -13.84 24.63
N GLU B 34 14.87 -13.44 24.12
CA GLU B 34 13.65 -13.97 24.66
C GLU B 34 12.97 -14.86 23.68
N TRP B 35 12.10 -15.72 24.17
CA TRP B 35 11.35 -16.60 23.32
C TRP B 35 9.85 -16.50 23.56
N VAL B 36 9.09 -16.53 22.47
CA VAL B 36 7.66 -16.37 22.51
C VAL B 36 6.95 -17.39 21.60
N LYS B 37 5.73 -17.74 21.96
CA LYS B 37 4.96 -18.73 21.25
C LYS B 37 3.68 -18.19 20.69
N GLN B 38 3.40 -18.40 19.42
CA GLN B 38 2.13 -17.98 18.85
C GLN B 38 1.35 -19.09 18.16
N ARG B 39 0.27 -19.54 18.76
CA ARG B 39 -0.66 -20.46 18.14
C ARG B 39 -1.57 -19.69 17.24
N PRO B 40 -2.18 -20.31 16.24
CA PRO B 40 -3.06 -19.56 15.36
C PRO B 40 -4.22 -18.98 16.11
N GLY B 41 -4.46 -17.71 15.88
CA GLY B 41 -5.62 -17.09 16.45
C GLY B 41 -5.55 -16.86 17.93
N GLN B 42 -4.39 -17.03 18.52
CA GLN B 42 -4.31 -16.96 19.94
C GLN B 42 -3.30 -15.90 20.35
N GLY B 43 -3.37 -15.55 21.62
CA GLY B 43 -2.44 -14.61 22.18
C GLY B 43 -1.01 -15.11 22.24
N LEU B 44 -0.10 -14.18 22.19
CA LEU B 44 1.27 -14.45 22.39
C LEU B 44 1.54 -14.94 23.79
N GLU B 45 2.39 -15.92 23.90
CA GLU B 45 2.68 -16.48 25.17
C GLU B 45 4.18 -16.43 25.35
N TRP B 46 4.62 -15.91 26.47
CA TRP B 46 6.02 -15.82 26.81
C TRP B 46 6.52 -17.13 27.32
N ILE B 47 7.66 -17.60 26.84
CA ILE B 47 8.23 -18.82 27.35
C ILE B 47 9.33 -18.59 28.38
N GLY B 48 10.30 -17.73 28.07
CA GLY B 48 11.37 -17.46 28.98
C GLY B 48 12.49 -16.68 28.35
N VAL B 49 13.54 -16.43 29.09
CA VAL B 49 14.61 -15.59 28.60
C VAL B 49 15.95 -16.08 29.02
N ILE B 50 16.95 -15.80 28.22
CA ILE B 50 18.31 -16.09 28.56
C ILE B 50 19.25 -14.92 28.42
N ASN B 51 20.20 -14.84 29.34
CA ASN B 51 21.35 -13.98 29.29
C ASN B 51 22.48 -14.72 28.62
N PRO B 52 22.81 -14.34 27.40
CA PRO B 52 23.73 -15.10 26.61
C PRO B 52 25.11 -15.19 27.22
N GLY B 53 25.53 -14.13 27.86
CA GLY B 53 26.79 -14.10 28.54
C GLY B 53 26.96 -15.03 29.72
N SER B 54 25.97 -15.12 30.59
CA SER B 54 26.05 -16.01 31.73
C SER B 54 26.00 -17.55 31.55
N GLY B 55 25.05 -18.09 30.83
CA GLY B 55 23.84 -17.41 30.56
C GLY B 55 22.80 -17.92 31.53
N ASP B 56 22.40 -17.07 32.44
CA ASP B 56 21.37 -17.36 33.37
C ASP B 56 20.06 -17.36 32.62
N THR B 57 19.03 -17.97 33.16
CA THR B 57 17.73 -18.07 32.49
C THR B 57 16.56 -17.81 33.39
N ASN B 58 15.49 -17.27 32.86
CA ASN B 58 14.27 -17.08 33.59
C ASN B 58 13.10 -17.64 32.77
N TYR B 59 12.23 -18.41 33.42
CA TYR B 59 11.20 -19.17 32.74
C TYR B 59 9.82 -18.82 33.15
N ASN B 60 8.89 -18.83 32.23
CA ASN B 60 7.50 -18.84 32.55
C ASN B 60 7.26 -20.14 33.27
N GLU B 61 6.50 -20.12 34.34
CA GLU B 61 6.34 -21.31 35.15
C GLU B 61 5.68 -22.37 34.31
N LYS B 62 4.78 -21.96 33.46
CA LYS B 62 4.08 -22.92 32.70
C LYS B 62 5.07 -23.77 31.93
N PHE B 63 6.15 -23.19 31.45
CA PHE B 63 7.04 -23.82 30.51
C PHE B 63 8.24 -24.48 31.09
N LYS B 64 8.29 -24.56 32.41
CA LYS B 64 9.48 -25.05 33.04
C LYS B 64 9.79 -26.47 32.66
N GLY B 65 8.80 -27.33 32.63
CA GLY B 65 9.07 -28.64 32.07
C GLY B 65 9.41 -28.70 30.60
N LYS B 66 8.67 -27.98 29.79
CA LYS B 66 8.78 -28.01 28.33
C LYS B 66 10.05 -27.51 27.68
N ALA B 67 10.60 -26.43 28.19
CA ALA B 67 11.58 -25.70 27.45
C ALA B 67 12.91 -25.58 28.12
N THR B 68 13.94 -25.82 27.36
CA THR B 68 15.26 -25.60 27.83
C THR B 68 15.96 -24.60 26.96
N LEU B 69 16.47 -23.54 27.54
CA LEU B 69 17.14 -22.50 26.78
C LEU B 69 18.63 -22.48 26.98
N THR B 70 19.37 -22.36 25.90
CA THR B 70 20.81 -22.37 25.98
C THR B 70 21.42 -21.40 25.02
N ALA B 71 22.61 -20.95 25.34
CA ALA B 71 23.31 -20.00 24.51
C ALA B 71 24.71 -20.47 24.16
N ASP B 72 25.14 -20.26 22.93
CA ASP B 72 26.51 -20.51 22.58
C ASP B 72 27.15 -19.25 22.06
N LYS B 73 27.91 -18.59 22.91
CA LYS B 73 28.41 -17.27 22.62
C LYS B 73 29.38 -17.22 21.45
N SER B 74 30.13 -18.28 21.26
CA SER B 74 31.14 -18.32 20.22
C SER B 74 30.55 -18.22 18.84
N SER B 75 29.39 -18.83 18.65
CA SER B 75 28.69 -18.73 17.39
C SER B 75 27.58 -17.67 17.33
N SER B 76 27.35 -16.95 18.41
CA SER B 76 26.26 -15.98 18.42
C SER B 76 24.92 -16.65 18.23
N THR B 77 24.73 -17.80 18.83
CA THR B 77 23.53 -18.52 18.63
C THR B 77 22.83 -18.89 19.89
N ALA B 78 21.52 -18.89 19.86
CA ALA B 78 20.75 -19.20 21.03
C ALA B 78 19.90 -20.36 20.64
N TYR B 79 19.53 -21.18 21.59
CA TYR B 79 18.75 -22.34 21.28
C TYR B 79 17.55 -22.54 22.18
N MET B 80 16.50 -23.09 21.58
CA MET B 80 15.38 -23.58 22.34
C MET B 80 15.05 -25.04 22.05
N GLN B 81 14.95 -25.79 23.12
CA GLN B 81 14.63 -27.18 22.99
C GLN B 81 13.34 -27.47 23.69
N LEU B 82 12.51 -28.18 23.01
CA LEU B 82 11.25 -28.39 23.58
C LEU B 82 10.97 -29.89 23.62
N ASN B 83 10.51 -30.37 24.75
CA ASN B 83 10.40 -31.80 25.01
C ASN B 83 9.01 -32.37 25.16
N SER B 84 8.89 -33.68 25.02
CA SER B 84 7.62 -34.33 25.24
C SER B 84 6.52 -33.72 24.44
N LEU B 85 6.78 -33.52 23.17
CA LEU B 85 5.91 -32.75 22.35
C LEU B 85 4.57 -33.39 22.18
N THR B 86 3.57 -32.55 22.16
CA THR B 86 2.20 -32.94 22.11
C THR B 86 1.61 -31.97 21.19
N SER B 87 0.36 -32.15 20.85
CA SER B 87 -0.28 -31.30 19.92
C SER B 87 -0.41 -29.87 20.33
N ASP B 88 -0.71 -29.62 21.58
CA ASP B 88 -0.88 -28.29 22.06
C ASP B 88 0.43 -27.54 21.85
N ASP B 89 1.51 -28.29 21.71
CA ASP B 89 2.80 -27.73 21.39
C ASP B 89 3.00 -27.18 19.99
N SER B 90 2.19 -27.54 19.01
CA SER B 90 2.33 -26.96 17.69
C SER B 90 2.05 -25.47 17.66
N ALA B 91 2.96 -24.70 17.06
CA ALA B 91 2.92 -23.27 17.03
C ALA B 91 4.02 -22.69 16.20
N VAL B 92 4.04 -21.38 16.07
CA VAL B 92 5.21 -20.71 15.59
C VAL B 92 5.91 -20.09 16.78
N TYR B 93 7.19 -20.34 16.87
CA TYR B 93 7.99 -19.82 17.94
C TYR B 93 8.95 -18.76 17.45
N PHE B 94 9.00 -17.65 18.16
CA PHE B 94 9.83 -16.54 17.80
C PHE B 94 10.92 -16.38 18.83
N CYS B 95 12.13 -16.05 18.41
CA CYS B 95 13.14 -15.54 19.33
C CYS B 95 13.28 -14.03 19.17
N ALA B 96 13.44 -13.29 20.24
CA ALA B 96 13.64 -11.85 20.12
C ALA B 96 14.68 -11.21 21.05
N ARG B 97 15.36 -10.21 20.58
CA ARG B 97 16.24 -9.44 21.43
C ARG B 97 15.41 -8.61 22.34
N SER B 98 15.82 -8.43 23.58
CA SER B 98 15.19 -7.44 24.40
C SER B 98 16.34 -6.69 25.10
N GLY B 99 16.11 -6.09 26.25
CA GLY B 99 17.11 -5.30 26.94
C GLY B 99 18.59 -5.59 27.07
N ALA B 100 19.32 -4.61 27.56
CA ALA B 100 20.71 -4.82 27.84
C ALA B 100 20.74 -5.89 28.89
N ALA B 101 21.73 -6.77 28.83
CA ALA B 101 21.60 -8.03 29.49
C ALA B 101 21.82 -7.89 30.96
N ALA B 102 20.72 -8.10 31.65
CA ALA B 102 20.62 -7.89 33.04
C ALA B 102 19.34 -8.57 33.37
N PRO B 103 19.12 -8.88 34.61
CA PRO B 103 17.93 -9.63 34.97
C PRO B 103 16.72 -8.77 35.24
N THR B 104 16.18 -8.19 34.21
CA THR B 104 15.06 -7.31 34.35
C THR B 104 14.23 -7.67 33.12
N TYR B 105 12.92 -7.41 33.12
CA TYR B 105 12.12 -7.63 31.93
C TYR B 105 12.03 -6.38 31.07
N TYR B 106 11.99 -6.60 29.78
CA TYR B 106 12.01 -5.56 28.81
C TYR B 106 10.95 -5.73 27.76
N ALA B 107 10.74 -4.69 27.00
CA ALA B 107 10.06 -4.77 25.75
C ALA B 107 10.95 -5.45 24.72
N MET B 108 10.39 -6.10 23.73
CA MET B 108 11.20 -6.85 22.79
C MET B 108 11.44 -6.12 21.48
N ASP B 109 12.63 -5.60 21.29
CA ASP B 109 12.96 -4.78 20.14
C ASP B 109 13.11 -5.34 18.74
N TYR B 110 13.64 -6.53 18.62
CA TYR B 110 13.77 -7.14 17.31
C TYR B 110 13.34 -8.59 17.27
N TRP B 111 12.66 -9.00 16.23
CA TRP B 111 12.17 -10.35 16.17
C TRP B 111 12.71 -11.15 15.00
N GLY B 112 12.97 -12.42 15.25
CA GLY B 112 13.26 -13.35 14.21
C GLY B 112 12.04 -13.66 13.38
N GLN B 113 12.27 -14.26 12.23
CA GLN B 113 11.23 -14.63 11.31
C GLN B 113 10.29 -15.63 11.91
N GLY B 114 10.76 -16.41 12.85
CA GLY B 114 9.94 -17.37 13.52
C GLY B 114 9.98 -18.76 12.94
N VAL B 115 9.81 -19.75 13.78
CA VAL B 115 9.93 -21.12 13.35
C VAL B 115 8.64 -21.87 13.56
N SER B 116 8.06 -22.34 12.49
CA SER B 116 6.83 -23.08 12.59
C SER B 116 7.15 -24.47 13.09
N VAL B 117 6.46 -24.93 14.10
CA VAL B 117 6.65 -26.27 14.54
C VAL B 117 5.38 -27.03 14.44
N THR B 118 5.42 -28.15 13.77
CA THR B 118 4.24 -28.96 13.67
C THR B 118 4.44 -30.29 14.33
N VAL B 119 3.54 -30.64 15.22
CA VAL B 119 3.61 -31.89 15.89
C VAL B 119 2.49 -32.76 15.41
N SER B 120 2.80 -33.79 14.66
CA SER B 120 1.79 -34.65 14.12
C SER B 120 2.31 -36.04 13.87
N SER B 121 1.40 -36.99 13.85
CA SER B 121 1.66 -38.34 13.45
C SER B 121 1.31 -38.61 12.00
N ALA B 122 0.81 -37.62 11.32
CA ALA B 122 0.42 -37.77 9.95
C ALA B 122 1.60 -37.91 8.99
N LYS B 123 1.39 -38.69 7.96
CA LYS B 123 2.43 -38.98 7.02
C LYS B 123 2.54 -37.98 5.91
N THR B 124 3.74 -37.63 5.53
CA THR B 124 3.89 -36.60 4.53
C THR B 124 3.20 -37.08 3.30
N THR B 125 2.34 -36.24 2.76
CA THR B 125 1.55 -36.56 1.60
C THR B 125 1.44 -35.36 0.71
N PRO B 126 1.40 -35.62 -0.58
CA PRO B 126 1.19 -34.61 -1.60
C PRO B 126 -0.27 -34.36 -1.84
N PRO B 127 -0.59 -33.15 -2.23
CA PRO B 127 -1.97 -32.74 -2.45
C PRO B 127 -2.61 -33.38 -3.63
N SER B 128 -3.89 -33.64 -3.55
CA SER B 128 -4.64 -33.98 -4.71
C SER B 128 -5.21 -32.69 -5.18
N VAL B 129 -5.11 -32.44 -6.47
CA VAL B 129 -5.52 -31.19 -7.03
C VAL B 129 -6.66 -31.39 -7.96
N TYR B 130 -7.75 -30.69 -7.73
CA TYR B 130 -8.96 -30.90 -8.49
C TYR B 130 -9.45 -29.63 -9.13
N PRO B 131 -9.70 -29.67 -10.41
CA PRO B 131 -10.19 -28.50 -11.12
C PRO B 131 -11.65 -28.16 -10.85
N LEU B 132 -11.94 -26.89 -10.64
CA LEU B 132 -13.28 -26.44 -10.50
C LEU B 132 -13.64 -25.59 -11.69
N ALA B 133 -14.58 -26.08 -12.45
CA ALA B 133 -15.08 -25.42 -13.62
C ALA B 133 -16.55 -25.53 -13.46
N PRO B 134 -17.29 -24.72 -14.16
CA PRO B 134 -18.73 -24.60 -14.00
C PRO B 134 -19.51 -25.76 -14.59
N ALA B 135 -20.80 -25.84 -14.31
CA ALA B 135 -21.69 -26.90 -14.79
C ALA B 135 -22.02 -27.06 -16.28
N ALA B 136 -22.34 -26.00 -16.99
CA ALA B 136 -22.21 -24.63 -16.54
C ALA B 136 -23.56 -23.93 -16.59
N ALA B 137 -23.92 -23.21 -15.55
CA ALA B 137 -25.09 -22.37 -15.65
C ALA B 137 -24.86 -21.32 -16.69
N ALA B 138 -23.70 -20.70 -16.65
CA ALA B 138 -23.34 -19.72 -17.65
C ALA B 138 -24.37 -18.67 -17.41
N ALA B 139 -24.37 -17.57 -18.17
CA ALA B 139 -23.24 -17.07 -18.92
C ALA B 139 -23.22 -15.61 -18.52
N ASN B 140 -22.08 -14.95 -18.61
CA ASN B 140 -21.97 -13.66 -17.98
C ASN B 140 -20.71 -12.90 -18.35
N SER B 141 -20.54 -11.70 -17.84
CA SER B 141 -19.37 -10.93 -18.18
C SER B 141 -18.00 -11.45 -17.73
N MET B 142 -17.89 -11.88 -16.49
CA MET B 142 -16.64 -12.39 -15.99
C MET B 142 -16.91 -13.81 -15.57
N VAL B 143 -15.89 -14.62 -15.46
CA VAL B 143 -16.08 -16.02 -15.13
C VAL B 143 -15.18 -16.43 -14.00
N THR B 144 -15.65 -17.31 -13.13
CA THR B 144 -14.89 -17.68 -11.94
C THR B 144 -14.46 -19.11 -12.02
N LEU B 145 -13.19 -19.35 -11.73
CA LEU B 145 -12.61 -20.69 -11.82
C LEU B 145 -11.77 -21.02 -10.58
N GLY B 146 -11.56 -22.29 -10.30
CA GLY B 146 -10.83 -22.65 -9.10
C GLY B 146 -10.12 -23.97 -9.11
N CYS B 147 -9.22 -24.17 -8.18
CA CYS B 147 -8.82 -25.50 -7.91
C CYS B 147 -8.88 -25.83 -6.44
N LEU B 148 -9.25 -27.06 -6.17
CA LEU B 148 -9.42 -27.53 -4.82
C LEU B 148 -8.26 -28.44 -4.53
N VAL B 149 -7.55 -28.16 -3.46
CA VAL B 149 -6.34 -28.87 -3.13
C VAL B 149 -6.50 -29.66 -1.86
N LYS B 150 -6.39 -30.96 -1.95
CA LYS B 150 -6.91 -31.79 -0.90
C LYS B 150 -5.99 -32.88 -0.40
N GLY B 151 -5.98 -33.09 0.90
CA GLY B 151 -5.15 -34.09 1.51
C GLY B 151 -3.63 -34.06 1.48
N TYR B 152 -3.07 -32.94 1.86
CA TYR B 152 -1.65 -32.76 1.84
C TYR B 152 -1.10 -32.52 3.21
N PHE B 153 0.10 -32.95 3.46
CA PHE B 153 0.76 -32.67 4.69
C PHE B 153 2.23 -32.71 4.43
N PRO B 154 3.01 -31.92 5.11
CA PRO B 154 2.52 -30.84 5.96
C PRO B 154 2.36 -29.52 5.24
N GLU B 155 1.94 -28.52 5.99
CA GLU B 155 1.80 -27.16 5.53
C GLU B 155 3.15 -26.72 5.16
N PRO B 156 3.29 -26.03 4.05
CA PRO B 156 2.21 -25.37 3.37
C PRO B 156 2.27 -25.57 1.92
N VAL B 157 1.29 -25.15 1.17
CA VAL B 157 1.40 -25.16 -0.26
C VAL B 157 1.27 -23.76 -0.85
N THR B 158 1.80 -23.53 -2.03
CA THR B 158 1.62 -22.23 -2.63
C THR B 158 0.84 -22.34 -3.89
N VAL B 159 -0.11 -21.44 -4.09
CA VAL B 159 -0.88 -21.52 -5.27
C VAL B 159 -0.65 -20.35 -6.14
N THR B 160 -0.75 -20.61 -7.43
CA THR B 160 -0.41 -19.71 -8.47
C THR B 160 -1.36 -19.92 -9.62
N TRP B 161 -1.65 -18.91 -10.40
CA TRP B 161 -2.43 -19.12 -11.59
C TRP B 161 -1.69 -18.66 -12.81
N ASN B 162 -1.73 -19.46 -13.86
CA ASN B 162 -1.01 -19.16 -15.09
C ASN B 162 0.42 -18.81 -14.83
N SER B 163 1.00 -19.60 -13.97
CA SER B 163 2.37 -19.55 -13.63
C SER B 163 2.67 -18.21 -13.05
N GLY B 164 1.70 -17.63 -12.40
CA GLY B 164 1.89 -16.43 -11.62
C GLY B 164 1.67 -15.19 -12.43
N SER B 165 1.54 -15.40 -13.72
CA SER B 165 1.35 -14.33 -14.65
C SER B 165 0.07 -13.68 -14.33
N LEU B 166 -0.92 -14.47 -13.97
CA LEU B 166 -2.22 -13.94 -13.81
C LEU B 166 -2.60 -13.86 -12.37
N SER B 167 -2.54 -12.67 -11.82
CA SER B 167 -2.90 -12.51 -10.45
C SER B 167 -3.94 -11.47 -10.19
N GLY B 168 -4.49 -10.83 -11.21
CA GLY B 168 -5.63 -10.00 -10.93
C GLY B 168 -6.76 -10.93 -10.55
N GLY B 169 -7.45 -10.63 -9.48
CA GLY B 169 -8.56 -11.44 -9.06
C GLY B 169 -8.32 -12.88 -8.73
N VAL B 170 -7.27 -13.14 -8.01
CA VAL B 170 -7.05 -14.42 -7.43
C VAL B 170 -7.42 -14.37 -5.98
N HIS B 171 -8.13 -15.36 -5.50
CA HIS B 171 -8.29 -15.51 -4.07
C HIS B 171 -7.78 -16.83 -3.62
N THR B 172 -6.93 -16.86 -2.63
CA THR B 172 -6.44 -18.12 -2.14
C THR B 172 -6.77 -18.24 -0.68
N PHE B 173 -7.43 -19.30 -0.29
CA PHE B 173 -7.90 -19.40 1.07
C PHE B 173 -6.99 -20.17 1.98
N PRO B 174 -7.11 -19.83 3.24
CA PRO B 174 -6.30 -20.45 4.27
C PRO B 174 -6.69 -21.87 4.42
N ALA B 175 -5.70 -22.73 4.53
CA ALA B 175 -5.89 -24.14 4.66
C ALA B 175 -6.58 -24.53 5.93
N VAL B 176 -7.42 -25.53 5.85
CA VAL B 176 -8.09 -26.04 7.01
C VAL B 176 -7.82 -27.50 7.11
N LEU B 177 -7.97 -28.01 8.29
CA LEU B 177 -7.59 -29.35 8.58
C LEU B 177 -8.76 -30.26 8.40
N GLN B 178 -8.54 -31.37 7.75
CA GLN B 178 -9.58 -32.31 7.49
C GLN B 178 -9.35 -33.71 8.04
N SER B 179 -8.22 -34.01 8.62
CA SER B 179 -7.94 -35.36 9.06
C SER B 179 -6.58 -35.51 9.65
N ASP B 180 -5.79 -36.41 9.08
CA ASP B 180 -4.38 -36.49 9.32
C ASP B 180 -4.08 -35.05 8.75
N LEU B 181 -4.88 -34.62 7.79
CA LEU B 181 -4.51 -33.79 6.67
C LEU B 181 -5.28 -32.50 6.36
N TYR B 182 -4.71 -31.76 5.42
CA TYR B 182 -5.04 -30.38 5.08
C TYR B 182 -5.67 -30.15 3.71
N THR B 183 -6.63 -29.24 3.64
CA THR B 183 -7.38 -28.90 2.45
C THR B 183 -7.40 -27.40 2.23
N LEU B 184 -7.24 -26.95 0.99
CA LEU B 184 -7.46 -25.57 0.64
C LEU B 184 -8.06 -25.38 -0.72
N SER B 185 -8.59 -24.21 -0.97
CA SER B 185 -9.03 -23.84 -2.31
C SER B 185 -8.55 -22.49 -2.79
N SER B 186 -8.58 -22.29 -4.08
CA SER B 186 -8.21 -21.02 -4.67
C SER B 186 -9.14 -20.69 -5.83
N SER B 187 -9.49 -19.44 -6.01
CA SER B 187 -10.39 -19.11 -7.09
C SER B 187 -9.80 -18.07 -7.96
N VAL B 188 -10.13 -18.11 -9.23
CA VAL B 188 -9.65 -17.12 -10.14
C VAL B 188 -10.76 -16.59 -10.99
N THR B 189 -10.82 -15.31 -11.22
CA THR B 189 -11.93 -14.83 -11.99
C THR B 189 -11.44 -13.96 -13.11
N VAL B 190 -11.82 -14.30 -14.32
CA VAL B 190 -11.27 -13.69 -15.51
C VAL B 190 -12.33 -13.34 -16.50
N PRO B 191 -11.99 -12.49 -17.46
CA PRO B 191 -12.97 -12.01 -18.41
C PRO B 191 -13.49 -13.16 -19.19
N SER B 192 -14.79 -13.20 -19.30
CA SER B 192 -15.56 -14.34 -19.69
C SER B 192 -15.25 -14.73 -21.09
N SER B 193 -14.79 -13.80 -21.87
CA SER B 193 -14.30 -14.07 -23.18
C SER B 193 -13.09 -14.95 -23.07
N THR B 194 -12.29 -14.65 -22.06
CA THR B 194 -10.90 -15.07 -21.98
C THR B 194 -10.79 -16.58 -21.92
N TRP B 195 -11.64 -17.19 -21.13
CA TRP B 195 -11.64 -18.61 -20.96
C TRP B 195 -13.02 -19.00 -21.40
N PRO B 196 -13.17 -19.98 -22.26
CA PRO B 196 -12.25 -21.07 -22.53
C PRO B 196 -11.35 -20.85 -23.69
N SER B 197 -11.39 -19.68 -24.25
CA SER B 197 -10.73 -19.39 -25.50
C SER B 197 -9.26 -19.59 -25.40
N GLU B 198 -8.70 -19.27 -24.26
CA GLU B 198 -7.32 -19.60 -24.00
C GLU B 198 -7.16 -20.04 -22.58
N THR B 199 -6.04 -20.68 -22.30
CA THR B 199 -5.87 -21.51 -21.14
C THR B 199 -5.68 -20.86 -19.77
N VAL B 200 -6.27 -21.48 -18.75
CA VAL B 200 -6.09 -21.09 -17.38
C VAL B 200 -5.65 -22.30 -16.59
N THR B 201 -4.56 -22.18 -15.86
CA THR B 201 -3.98 -23.27 -15.15
C THR B 201 -3.67 -22.99 -13.72
N CYS B 202 -4.06 -23.92 -12.86
CA CYS B 202 -3.75 -23.92 -11.45
C CYS B 202 -2.32 -24.38 -11.24
N ASN B 203 -1.52 -23.68 -10.45
CA ASN B 203 -0.22 -24.22 -10.10
C ASN B 203 -0.11 -24.42 -8.62
N VAL B 204 0.22 -25.62 -8.23
CA VAL B 204 0.30 -25.93 -6.84
C VAL B 204 1.66 -26.46 -6.50
N ALA B 205 2.31 -25.93 -5.50
CA ALA B 205 3.61 -26.45 -5.14
C ALA B 205 3.71 -26.86 -3.70
N HIS B 206 4.21 -28.05 -3.46
CA HIS B 206 4.33 -28.52 -2.11
C HIS B 206 5.75 -28.95 -1.86
N PRO B 207 6.48 -28.14 -1.14
CA PRO B 207 7.90 -28.37 -0.90
C PRO B 207 8.14 -29.59 -0.07
N ALA B 208 7.31 -29.82 0.91
CA ALA B 208 7.53 -30.88 1.81
C ALA B 208 7.53 -32.22 1.11
N SER B 209 6.67 -32.41 0.13
CA SER B 209 6.68 -33.62 -0.65
C SER B 209 7.47 -33.56 -1.95
N SER B 210 8.16 -32.47 -2.20
CA SER B 210 8.91 -32.31 -3.44
C SER B 210 8.08 -32.42 -4.67
N THR B 211 6.91 -31.83 -4.63
CA THR B 211 5.96 -32.00 -5.68
C THR B 211 5.44 -30.68 -6.17
N LYS B 212 5.36 -30.55 -7.47
CA LYS B 212 4.66 -29.45 -8.04
C LYS B 212 3.65 -30.00 -9.01
N VAL B 213 2.45 -29.45 -9.02
CA VAL B 213 1.47 -29.88 -10.00
C VAL B 213 0.73 -28.76 -10.70
N ASP B 214 0.34 -28.99 -11.94
CA ASP B 214 -0.33 -28.00 -12.73
C ASP B 214 -1.64 -28.55 -13.24
N LYS B 215 -2.75 -27.94 -12.90
CA LYS B 215 -3.94 -28.39 -13.52
C LYS B 215 -4.55 -27.33 -14.41
N LYS B 216 -4.63 -27.64 -15.69
CA LYS B 216 -5.30 -26.78 -16.61
C LYS B 216 -6.77 -26.93 -16.33
N ILE B 217 -7.54 -25.87 -16.45
CA ILE B 217 -8.94 -26.00 -16.28
C ILE B 217 -9.65 -26.08 -17.60
N VAL B 218 -10.33 -27.18 -17.79
CA VAL B 218 -10.97 -27.48 -19.01
C VAL B 218 -12.41 -27.30 -18.71
N PRO B 219 -13.16 -26.83 -19.68
CA PRO B 219 -14.59 -26.69 -19.56
C PRO B 219 -15.21 -28.01 -19.34
N ARG B 220 -16.17 -28.04 -18.46
CA ARG B 220 -16.82 -29.25 -18.02
C ARG B 220 -17.61 -29.86 -19.14
N PRO C 1 14.47 -11.46 34.11
CA PRO C 1 14.36 -12.02 35.45
C PRO C 1 13.49 -11.25 36.48
N HIS C 2 13.84 -10.10 37.04
CA HIS C 2 12.82 -9.36 37.76
C HIS C 2 12.94 -7.85 37.97
N GLY C 3 12.13 -7.06 37.27
CA GLY C 3 11.98 -5.62 37.43
C GLY C 3 11.71 -5.13 36.02
N GLY C 4 11.51 -3.84 35.77
CA GLY C 4 11.28 -3.31 34.42
C GLY C 4 12.06 -2.07 33.95
N SER C 5 12.52 -2.03 32.71
CA SER C 5 13.45 -0.97 32.35
C SER C 5 13.65 -0.47 30.92
N TRP C 6 14.53 0.51 30.81
CA TRP C 6 15.18 1.04 29.60
C TRP C 6 14.36 1.87 28.70
N GLY C 7 14.76 2.04 27.45
CA GLY C 7 16.00 1.60 26.82
C GLY C 7 17.16 2.53 27.11
N GLN C 8 18.32 2.32 26.52
CA GLN C 8 19.42 3.14 26.99
C GLN C 8 20.08 4.22 26.10
N PRO C 9 20.60 3.85 24.95
CA PRO C 9 21.46 4.78 24.22
C PRO C 9 20.79 6.13 24.08
N ASP D 1 -6.38 41.44 -11.41
CA ASP D 1 -5.06 41.99 -11.58
C ASP D 1 -4.31 42.06 -10.28
N ILE D 2 -4.85 41.44 -9.26
CA ILE D 2 -4.22 41.39 -7.96
C ILE D 2 -3.23 40.26 -7.89
N VAL D 3 -2.06 40.52 -7.40
CA VAL D 3 -1.10 39.46 -7.23
C VAL D 3 -1.03 38.97 -5.82
N MET D 4 -1.09 37.69 -5.64
CA MET D 4 -0.91 37.14 -4.33
C MET D 4 0.43 36.49 -4.24
N THR D 5 1.24 36.93 -3.31
CA THR D 5 2.47 36.26 -3.12
C THR D 5 2.61 35.55 -1.80
N GLN D 6 3.03 34.31 -1.88
CA GLN D 6 3.35 33.54 -0.72
C GLN D 6 4.85 33.46 -0.73
N SER D 7 5.51 34.29 0.04
CA SER D 7 6.94 34.28 0.06
C SER D 7 7.64 33.11 0.72
N HIS D 8 7.26 32.76 1.94
CA HIS D 8 8.04 31.85 2.79
C HIS D 8 7.63 30.44 2.33
N LYS D 9 7.95 30.09 1.10
CA LYS D 9 7.43 28.98 0.27
C LYS D 9 7.54 27.45 0.55
N PHE D 10 8.50 27.02 1.32
CA PHE D 10 8.57 25.65 1.76
C PHE D 10 8.61 25.79 3.21
N MET D 11 7.87 25.00 3.94
CA MET D 11 7.98 25.08 5.35
C MET D 11 8.11 23.71 5.93
N SER D 12 8.82 23.62 7.02
CA SER D 12 9.09 22.36 7.61
C SER D 12 8.61 22.45 9.00
N THR D 13 7.93 21.41 9.46
CA THR D 13 7.47 21.39 10.80
C THR D 13 7.46 19.99 11.30
N SER D 14 7.66 19.84 12.58
CA SER D 14 7.47 18.59 13.26
C SER D 14 6.03 18.43 13.64
N VAL D 15 5.63 17.19 13.85
CA VAL D 15 4.34 16.90 14.38
C VAL D 15 4.18 17.47 15.76
N GLY D 16 3.00 17.98 16.03
CA GLY D 16 2.70 18.57 17.30
C GLY D 16 3.12 20.01 17.43
N ASP D 17 3.83 20.51 16.44
CA ASP D 17 4.25 21.88 16.38
C ASP D 17 3.17 22.77 15.88
N ARG D 18 3.43 24.05 15.91
CA ARG D 18 2.58 25.02 15.28
C ARG D 18 3.31 25.74 14.17
N VAL D 19 2.68 25.90 13.02
CA VAL D 19 3.31 26.57 11.91
C VAL D 19 2.42 27.64 11.27
N SER D 20 3.02 28.71 10.79
CA SER D 20 2.27 29.79 10.22
C SER D 20 2.62 29.99 8.77
N ILE D 21 1.62 30.05 7.92
CA ILE D 21 1.82 30.24 6.52
C ILE D 21 1.25 31.55 6.02
N THR D 22 2.00 32.26 5.23
CA THR D 22 1.71 33.64 4.91
C THR D 22 1.40 33.98 3.50
N CYS D 23 0.46 34.90 3.33
CA CYS D 23 -0.01 35.38 2.04
C CYS D 23 0.07 36.87 2.09
N LYS D 24 0.62 37.49 1.07
CA LYS D 24 0.62 38.92 0.93
C LYS D 24 -0.09 39.29 -0.36
N ALA D 25 -0.86 40.37 -0.32
CA ALA D 25 -1.58 40.83 -1.48
C ALA D 25 -1.18 42.23 -1.89
N SER D 26 -1.08 42.43 -3.18
CA SER D 26 -0.71 43.67 -3.84
C SER D 26 -1.66 44.82 -3.66
N GLN D 27 -2.89 44.55 -3.31
CA GLN D 27 -3.84 45.57 -2.95
C GLN D 27 -4.68 45.11 -1.78
N VAL D 28 -5.33 46.01 -1.06
CA VAL D 28 -6.25 45.56 -0.05
C VAL D 28 -7.51 45.02 -0.69
N GLY D 29 -7.86 43.79 -0.36
CA GLY D 29 -9.19 43.26 -0.41
C GLY D 29 -9.30 42.10 0.51
N THR D 30 -10.39 41.98 1.26
CA THR D 30 -10.55 41.00 2.39
C THR D 30 -11.35 39.67 2.26
N ALA D 31 -11.70 39.38 1.03
CA ALA D 31 -12.19 38.12 0.65
C ALA D 31 -10.92 37.35 0.44
N LEU D 32 -10.61 36.54 1.41
CA LEU D 32 -9.47 35.69 1.36
C LEU D 32 -9.81 34.27 1.73
N ALA D 33 -9.33 33.35 0.96
CA ALA D 33 -9.48 31.97 1.30
C ALA D 33 -8.19 31.13 1.31
N TRP D 34 -8.14 30.15 2.17
CA TRP D 34 -7.06 29.20 2.16
C TRP D 34 -7.48 27.81 1.76
N TYR D 35 -6.64 27.14 1.03
CA TYR D 35 -6.91 25.83 0.50
C TYR D 35 -5.82 24.84 0.81
N GLN D 36 -6.20 23.58 0.85
CA GLN D 36 -5.27 22.50 0.97
C GLN D 36 -5.36 21.57 -0.23
N GLN D 37 -4.23 21.28 -0.85
CA GLN D 37 -4.18 20.32 -1.95
C GLN D 37 -3.14 19.26 -1.73
N LYS D 38 -3.57 18.04 -1.51
CA LYS D 38 -2.65 16.96 -1.42
C LYS D 38 -2.26 16.55 -2.80
N PRO D 39 -1.14 15.85 -2.94
CA PRO D 39 -0.67 15.45 -4.26
C PRO D 39 -1.62 14.52 -4.97
N GLY D 40 -1.89 14.84 -6.22
CA GLY D 40 -2.78 14.09 -7.07
C GLY D 40 -4.25 14.40 -6.90
N GLN D 41 -4.56 15.34 -6.04
CA GLN D 41 -5.90 15.55 -5.60
C GLN D 41 -6.31 16.97 -5.84
N SER D 42 -7.59 17.20 -5.85
CA SER D 42 -8.18 18.50 -5.96
C SER D 42 -8.12 19.26 -4.67
N PRO D 43 -8.20 20.55 -4.77
CA PRO D 43 -8.12 21.42 -3.61
C PRO D 43 -9.29 21.28 -2.67
N LYS D 44 -9.04 21.47 -1.41
CA LYS D 44 -10.05 21.54 -0.39
C LYS D 44 -10.03 22.90 0.26
N LEU D 45 -11.18 23.49 0.45
CA LEU D 45 -11.28 24.70 1.15
C LEU D 45 -11.09 24.55 2.65
N LEU D 46 -10.25 25.37 3.25
CA LEU D 46 -10.12 25.40 4.70
C LEU D 46 -10.76 26.59 5.38
N ILE D 47 -10.44 27.77 4.91
CA ILE D 47 -10.92 29.00 5.49
C ILE D 47 -11.48 29.91 4.45
N TYR D 48 -12.56 30.58 4.76
CA TYR D 48 -13.06 31.65 3.93
C TYR D 48 -13.24 32.92 4.71
N TRP D 49 -13.35 34.04 4.04
CA TRP D 49 -13.54 35.31 4.70
C TRP D 49 -12.47 35.55 5.74
N ALA D 50 -11.24 35.19 5.41
CA ALA D 50 -10.07 35.39 6.22
C ALA D 50 -9.89 34.52 7.46
N SER D 51 -10.86 34.48 8.34
CA SER D 51 -10.82 33.63 9.50
C SER D 51 -11.91 32.60 9.68
N THR D 52 -12.70 32.30 8.69
CA THR D 52 -13.84 31.47 8.98
C THR D 52 -13.68 30.06 8.49
N ARG D 53 -13.74 29.12 9.41
CA ARG D 53 -13.52 27.74 9.04
C ARG D 53 -14.66 27.13 8.30
N HIS D 54 -14.31 26.39 7.27
CA HIS D 54 -15.20 25.71 6.41
C HIS D 54 -15.69 24.43 7.03
N THR D 55 -16.65 23.76 6.42
CA THR D 55 -17.30 22.62 7.03
C THR D 55 -16.39 21.45 7.34
N GLY D 56 -16.49 20.95 8.56
CA GLY D 56 -15.68 19.86 9.03
C GLY D 56 -14.19 20.08 9.03
N VAL D 57 -13.74 21.28 9.30
CA VAL D 57 -12.35 21.57 9.24
C VAL D 57 -11.95 21.74 10.66
N PRO D 58 -10.88 21.09 11.05
CA PRO D 58 -10.45 21.00 12.43
C PRO D 58 -10.00 22.32 12.98
N ASP D 59 -10.20 22.54 14.27
CA ASP D 59 -9.92 23.81 14.89
C ASP D 59 -8.48 24.05 14.88
N ARG D 60 -7.69 23.06 14.54
CA ARG D 60 -6.28 23.23 14.61
C ARG D 60 -5.89 24.33 13.64
N PHE D 61 -6.69 24.53 12.61
CA PHE D 61 -6.47 25.53 11.59
C PHE D 61 -7.16 26.85 11.94
N THR D 62 -6.44 27.95 11.94
CA THR D 62 -7.01 29.28 12.08
C THR D 62 -6.52 30.29 11.04
N GLY D 63 -7.40 31.17 10.63
CA GLY D 63 -7.02 32.15 9.66
C GLY D 63 -7.04 33.48 10.32
N SER D 64 -6.13 34.35 9.99
CA SER D 64 -6.14 35.67 10.53
C SER D 64 -5.70 36.71 9.54
N GLY D 65 -6.05 37.94 9.81
CA GLY D 65 -5.55 39.07 9.09
C GLY D 65 -6.53 39.69 8.15
N SER D 66 -6.24 40.92 7.80
CA SER D 66 -7.07 41.67 6.90
C SER D 66 -6.24 42.65 6.07
N GLY D 67 -6.80 43.16 4.99
CA GLY D 67 -6.07 44.06 4.15
C GLY D 67 -5.10 43.45 3.17
N THR D 68 -3.83 43.48 3.50
CA THR D 68 -2.84 42.95 2.62
C THR D 68 -2.20 41.70 3.14
N ASP D 69 -2.24 41.49 4.43
CA ASP D 69 -1.45 40.46 5.05
C ASP D 69 -2.26 39.37 5.70
N PHE D 70 -1.98 38.13 5.35
CA PHE D 70 -2.75 37.02 5.86
C PHE D 70 -1.95 35.87 6.37
N THR D 71 -2.47 35.19 7.36
CA THR D 71 -1.79 34.08 7.93
C THR D 71 -2.67 32.88 8.15
N LEU D 72 -2.23 31.72 7.70
CA LEU D 72 -2.92 30.51 8.04
C LEU D 72 -2.09 29.80 9.08
N THR D 73 -2.67 29.57 10.24
CA THR D 73 -1.91 29.02 11.32
C THR D 73 -2.37 27.62 11.63
N ILE D 74 -1.43 26.69 11.62
CA ILE D 74 -1.77 25.34 11.96
C ILE D 74 -1.15 25.02 13.27
N SER D 75 -1.96 24.54 14.17
CA SER D 75 -1.48 24.20 15.48
C SER D 75 -1.61 22.72 15.74
N ASN D 76 -0.78 22.18 16.60
CA ASN D 76 -0.77 20.76 16.81
C ASN D 76 -0.68 20.02 15.50
N VAL D 77 0.36 20.25 14.73
CA VAL D 77 0.40 19.71 13.38
C VAL D 77 0.28 18.20 13.38
N GLN D 78 -0.50 17.69 12.47
CA GLN D 78 -0.69 16.26 12.34
C GLN D 78 -0.06 15.75 11.07
N SER D 79 0.14 14.45 11.00
CA SER D 79 0.76 13.82 9.84
C SER D 79 0.00 14.05 8.57
N GLU D 80 -1.31 14.09 8.67
CA GLU D 80 -2.15 14.28 7.52
C GLU D 80 -2.04 15.69 6.93
N ASP D 81 -1.44 16.61 7.65
CA ASP D 81 -1.33 18.00 7.21
C ASP D 81 -0.25 18.21 6.14
N LEU D 82 0.40 17.16 5.72
CA LEU D 82 1.42 17.30 4.70
C LEU D 82 0.80 17.48 3.32
N SER D 83 0.82 18.70 2.82
CA SER D 83 0.30 19.06 1.53
C SER D 83 0.73 20.43 1.11
N ASP D 84 0.34 20.82 -0.08
CA ASP D 84 0.42 22.17 -0.57
C ASP D 84 -0.62 23.10 0.06
N TYR D 85 -0.30 24.33 0.34
CA TYR D 85 -1.27 25.27 0.85
C TYR D 85 -1.20 26.57 0.08
N PHE D 86 -2.33 27.14 -0.27
CA PHE D 86 -2.32 28.39 -0.99
C PHE D 86 -3.53 29.28 -0.75
N CYS D 87 -3.41 30.55 -1.08
CA CYS D 87 -4.44 31.51 -0.81
C CYS D 87 -5.14 31.98 -2.05
N GLN D 88 -6.36 32.42 -1.88
CA GLN D 88 -7.10 33.00 -2.97
C GLN D 88 -7.80 34.27 -2.55
N GLN D 89 -7.68 35.33 -3.32
CA GLN D 89 -8.43 36.54 -3.08
C GLN D 89 -9.70 36.59 -3.91
N TYR D 90 -10.81 36.96 -3.32
CA TYR D 90 -12.00 37.20 -4.10
C TYR D 90 -12.52 38.63 -4.15
N SER D 91 -11.73 39.59 -3.79
CA SER D 91 -12.15 40.97 -3.81
C SER D 91 -12.38 41.47 -5.21
N SER D 92 -11.48 41.11 -6.08
CA SER D 92 -11.58 41.35 -7.47
C SER D 92 -11.55 39.98 -8.05
N TYR D 93 -11.40 39.85 -9.35
CA TYR D 93 -11.49 38.54 -9.95
C TYR D 93 -10.38 37.70 -9.38
N PRO D 94 -10.69 36.46 -9.11
CA PRO D 94 -9.86 35.61 -8.26
C PRO D 94 -8.49 35.29 -8.79
N THR D 95 -7.52 35.44 -7.94
CA THR D 95 -6.16 35.10 -8.23
C THR D 95 -5.60 34.32 -7.07
N PHE D 96 -4.57 33.57 -7.32
CA PHE D 96 -4.04 32.67 -6.36
C PHE D 96 -2.59 32.92 -6.11
N GLY D 97 -2.18 32.63 -4.90
CA GLY D 97 -0.79 32.61 -4.54
C GLY D 97 -0.09 31.39 -5.08
N GLY D 98 1.22 31.42 -5.00
CA GLY D 98 2.08 30.38 -5.51
C GLY D 98 1.92 29.04 -4.87
N GLY D 99 1.65 29.06 -3.58
CA GLY D 99 1.54 27.89 -2.77
C GLY D 99 2.72 27.72 -1.87
N THR D 100 2.54 27.11 -0.73
CA THR D 100 3.61 26.81 0.15
C THR D 100 3.48 25.37 0.41
N LYS D 101 4.55 24.61 0.27
CA LYS D 101 4.46 23.19 0.49
C LYS D 101 4.98 22.86 1.86
N LEU D 102 4.21 22.13 2.62
CA LEU D 102 4.50 21.86 4.00
C LEU D 102 5.12 20.52 4.12
N GLU D 103 6.18 20.45 4.89
CA GLU D 103 6.85 19.18 5.08
C GLU D 103 6.95 18.82 6.53
N ILE D 104 6.92 17.54 6.80
CA ILE D 104 7.01 17.02 8.13
C ILE D 104 8.37 16.44 8.37
N LYS D 105 9.05 16.93 9.37
CA LYS D 105 10.37 16.50 9.72
C LYS D 105 10.48 15.09 10.27
N ARG D 106 11.59 14.45 10.00
CA ARG D 106 11.85 13.11 10.46
C ARG D 106 13.32 13.08 10.69
N ALA D 107 13.84 12.00 11.23
CA ALA D 107 15.27 11.84 11.40
C ALA D 107 15.99 11.75 10.09
N ASP D 108 17.25 12.14 10.08
CA ASP D 108 18.01 12.14 8.88
C ASP D 108 18.16 10.77 8.33
N ALA D 109 18.06 10.67 7.03
CA ALA D 109 18.22 9.42 6.36
C ALA D 109 19.16 9.61 5.22
N ALA D 110 20.15 8.76 5.11
CA ALA D 110 21.05 8.81 4.01
C ALA D 110 20.51 8.16 2.78
N PRO D 111 20.91 8.66 1.63
CA PRO D 111 20.47 8.11 0.36
C PRO D 111 20.98 6.72 0.10
N THR D 112 20.14 5.87 -0.40
CA THR D 112 20.57 4.59 -0.84
C THR D 112 20.73 4.74 -2.32
N VAL D 113 21.98 4.76 -2.77
CA VAL D 113 22.33 4.98 -4.16
C VAL D 113 22.62 3.70 -4.92
N SER D 114 21.95 3.53 -6.04
CA SER D 114 22.18 2.44 -6.97
C SER D 114 22.36 2.93 -8.39
N ILE D 115 23.36 2.41 -9.10
CA ILE D 115 23.65 2.77 -10.50
C ILE D 115 23.53 1.60 -11.46
N PHE D 116 22.95 1.85 -12.62
CA PHE D 116 22.80 0.85 -13.66
C PHE D 116 23.34 1.23 -15.04
N PRO D 117 24.08 0.32 -15.62
CA PRO D 117 24.57 0.47 -16.97
C PRO D 117 23.43 0.27 -17.94
N PRO D 118 23.57 0.72 -19.17
CA PRO D 118 22.51 0.53 -20.13
C PRO D 118 22.26 -0.94 -20.43
N SER D 119 21.02 -1.27 -20.63
CA SER D 119 20.66 -2.59 -21.10
C SER D 119 21.07 -2.86 -22.55
N SER D 120 21.33 -4.10 -22.84
CA SER D 120 21.74 -4.49 -24.16
C SER D 120 20.61 -4.16 -25.05
N GLU D 121 19.41 -4.32 -24.54
CA GLU D 121 18.25 -4.06 -25.33
C GLU D 121 18.17 -2.61 -25.76
N GLN D 122 18.51 -1.68 -24.89
CA GLN D 122 18.63 -0.30 -25.32
C GLN D 122 19.73 -0.08 -26.32
N LEU D 123 20.83 -0.76 -26.09
CA LEU D 123 22.06 -0.60 -26.83
C LEU D 123 21.90 -0.99 -28.27
N THR D 124 20.90 -1.80 -28.54
CA THR D 124 20.40 -2.11 -29.82
C THR D 124 19.90 -0.89 -30.52
N SER D 125 19.31 0.03 -29.79
CA SER D 125 18.66 1.19 -30.33
C SER D 125 19.55 2.34 -30.68
N GLY D 126 20.83 2.21 -30.40
CA GLY D 126 21.75 3.29 -30.70
C GLY D 126 21.85 4.44 -29.72
N GLY D 127 21.20 4.32 -28.57
CA GLY D 127 21.33 5.26 -27.48
C GLY D 127 21.53 4.51 -26.20
N ALA D 128 22.21 5.12 -25.25
CA ALA D 128 22.49 4.46 -24.00
C ALA D 128 22.11 5.29 -22.79
N SER D 129 21.34 4.74 -21.89
CA SER D 129 20.87 5.54 -20.79
C SER D 129 21.46 5.03 -19.53
N VAL D 130 21.96 5.91 -18.70
CA VAL D 130 22.52 5.48 -17.45
C VAL D 130 21.68 5.99 -16.29
N VAL D 131 21.26 5.06 -15.44
CA VAL D 131 20.30 5.37 -14.40
C VAL D 131 20.88 5.23 -13.01
N CYS D 132 20.68 6.27 -12.19
CA CYS D 132 21.13 6.32 -10.79
C CYS D 132 19.84 6.54 -10.02
N PHE D 133 19.62 5.78 -8.94
CA PHE D 133 18.49 5.98 -8.07
C PHE D 133 19.02 6.47 -6.76
N LEU D 134 18.43 7.50 -6.22
CA LEU D 134 18.71 7.83 -4.86
C LEU D 134 17.42 7.78 -4.10
N ASN D 135 17.31 6.80 -3.23
CA ASN D 135 16.05 6.42 -2.68
C ASN D 135 15.96 6.58 -1.19
N ASN D 136 14.81 6.90 -0.66
CA ASN D 136 14.60 6.97 0.78
C ASN D 136 15.50 7.87 1.59
N PHE D 137 15.59 9.11 1.21
CA PHE D 137 16.48 10.02 1.87
C PHE D 137 15.80 11.23 2.43
N TYR D 138 16.37 11.76 3.49
CA TYR D 138 15.95 12.98 4.09
C TYR D 138 17.11 13.67 4.76
N PRO D 139 17.19 14.98 4.70
CA PRO D 139 16.21 15.87 4.13
C PRO D 139 16.23 15.94 2.63
N LYS D 140 15.31 16.69 2.08
CA LYS D 140 15.12 16.76 0.66
C LYS D 140 16.30 17.30 -0.10
N ASP D 141 17.02 18.24 0.46
CA ASP D 141 18.08 18.88 -0.30
C ASP D 141 19.10 17.89 -0.77
N ILE D 142 19.33 17.91 -2.07
CA ILE D 142 20.31 17.02 -2.65
C ILE D 142 20.86 17.47 -3.99
N ASN D 143 22.08 17.13 -4.27
CA ASN D 143 22.72 17.47 -5.51
C ASN D 143 23.32 16.25 -6.10
N VAL D 144 23.11 16.00 -7.36
CA VAL D 144 23.62 14.79 -7.92
C VAL D 144 24.51 15.06 -9.10
N LYS D 145 25.67 14.48 -9.13
CA LYS D 145 26.64 14.81 -10.15
C LYS D 145 27.12 13.62 -10.92
N TRP D 146 27.13 13.71 -12.23
CA TRP D 146 27.62 12.61 -13.02
C TRP D 146 29.05 12.85 -13.45
N LYS D 147 29.87 11.82 -13.32
CA LYS D 147 31.21 11.82 -13.84
C LYS D 147 31.49 10.73 -14.88
N ILE D 148 32.21 11.07 -15.93
CA ILE D 148 32.56 10.14 -16.95
C ILE D 148 34.05 10.20 -17.12
N ASP D 149 34.71 9.11 -16.75
CA ASP D 149 36.16 9.09 -16.64
C ASP D 149 36.63 10.24 -15.78
N GLY D 150 35.92 10.51 -14.70
CA GLY D 150 36.27 11.52 -13.75
C GLY D 150 35.92 12.95 -14.06
N SER D 151 35.23 13.17 -15.14
CA SER D 151 34.87 14.52 -15.48
C SER D 151 33.39 14.75 -15.48
N GLU D 152 32.99 15.80 -14.81
CA GLU D 152 31.61 16.13 -14.61
C GLU D 152 30.91 16.35 -15.91
N ARG D 153 29.71 15.84 -16.05
CA ARG D 153 29.04 15.90 -17.30
C ARG D 153 27.82 16.73 -17.17
N GLN D 154 27.75 17.77 -17.96
CA GLN D 154 26.77 18.79 -17.70
C GLN D 154 25.45 18.72 -18.42
N ASN D 155 25.34 17.91 -19.44
CA ASN D 155 24.13 17.90 -20.21
C ASN D 155 23.76 16.51 -20.59
N GLY D 156 22.53 16.29 -21.00
CA GLY D 156 22.02 14.97 -21.25
C GLY D 156 21.40 14.32 -20.05
N VAL D 157 21.23 15.09 -18.99
CA VAL D 157 20.65 14.56 -17.77
C VAL D 157 19.19 14.90 -17.54
N LEU D 158 18.40 13.89 -17.19
CA LEU D 158 17.03 14.11 -16.81
C LEU D 158 16.79 13.62 -15.42
N ASN D 159 16.15 14.42 -14.60
CA ASN D 159 15.94 14.08 -13.22
C ASN D 159 14.48 14.01 -12.94
N SER D 160 14.07 13.05 -12.15
CA SER D 160 12.73 12.98 -11.65
C SER D 160 12.67 12.73 -10.16
N GLU D 161 11.76 13.40 -9.47
CA GLU D 161 11.66 13.31 -8.03
C GLU D 161 10.28 12.91 -7.60
N THR D 162 10.17 12.09 -6.59
CA THR D 162 8.94 11.97 -5.84
C THR D 162 8.83 13.07 -4.85
N ASP D 163 7.64 13.33 -4.39
CA ASP D 163 7.48 14.20 -3.25
C ASP D 163 7.43 13.42 -1.97
N GLN D 164 7.44 14.12 -0.85
CA GLN D 164 7.66 13.47 0.41
C GLN D 164 6.60 12.45 0.57
N ASP D 165 7.01 11.26 0.97
CA ASP D 165 6.08 10.21 1.19
C ASP D 165 5.41 10.34 2.53
N SER D 166 4.12 10.10 2.56
CA SER D 166 3.39 10.08 3.80
C SER D 166 3.88 8.95 4.65
N LYS D 167 4.20 7.82 4.03
CA LYS D 167 4.56 6.64 4.78
C LYS D 167 5.82 6.67 5.65
N ASP D 168 6.93 7.17 5.12
CA ASP D 168 8.15 7.28 5.92
C ASP D 168 8.83 8.64 5.90
N SER D 169 8.21 9.58 5.18
CA SER D 169 8.59 10.98 5.10
C SER D 169 9.84 11.30 4.35
N THR D 170 10.31 10.35 3.58
CA THR D 170 11.48 10.49 2.74
C THR D 170 11.20 11.03 1.38
N TYR D 171 12.27 11.41 0.73
CA TYR D 171 12.23 11.81 -0.64
C TYR D 171 13.03 10.82 -1.45
N SER D 172 12.69 10.64 -2.71
CA SER D 172 13.44 9.74 -3.54
C SER D 172 13.66 10.33 -4.93
N MET D 173 14.75 9.99 -5.58
CA MET D 173 15.09 10.64 -6.81
C MET D 173 15.67 9.71 -7.84
N SER D 174 15.44 10.00 -9.11
CA SER D 174 16.02 9.28 -10.21
C SER D 174 16.78 10.15 -11.19
N SER D 175 17.97 9.75 -11.57
CA SER D 175 18.72 10.51 -12.51
C SER D 175 19.15 9.67 -13.68
N THR D 176 18.85 10.12 -14.87
CA THR D 176 19.18 9.37 -16.05
C THR D 176 20.04 10.14 -17.01
N LEU D 177 21.15 9.57 -17.40
CA LEU D 177 22.04 10.20 -18.32
C LEU D 177 21.93 9.52 -19.62
N THR D 178 21.53 10.24 -20.64
CA THR D 178 21.34 9.61 -21.92
C THR D 178 22.38 10.00 -22.94
N LEU D 179 23.06 9.02 -23.47
CA LEU D 179 24.16 9.23 -24.38
C LEU D 179 23.88 8.49 -25.64
N THR D 180 24.60 8.83 -26.69
CA THR D 180 24.65 8.01 -27.87
C THR D 180 25.44 6.76 -27.54
N LYS D 181 25.32 5.73 -28.34
CA LYS D 181 26.09 4.53 -28.14
C LYS D 181 27.56 4.83 -28.28
N ASP D 182 27.88 5.67 -29.24
CA ASP D 182 29.25 6.02 -29.43
C ASP D 182 30.04 6.77 -28.32
N GLU D 183 29.55 7.84 -27.69
CA GLU D 183 30.33 8.34 -26.57
C GLU D 183 30.24 7.34 -25.48
N TYR D 184 29.19 6.55 -25.43
CA TYR D 184 29.12 5.58 -24.35
C TYR D 184 30.22 4.56 -24.42
N GLU D 185 30.51 4.10 -25.61
CA GLU D 185 31.63 3.26 -25.83
C GLU D 185 32.93 4.02 -25.86
N ARG D 186 32.89 5.31 -25.92
CA ARG D 186 34.12 6.06 -25.90
C ARG D 186 34.72 6.23 -24.53
N HIS D 187 34.02 5.84 -23.49
CA HIS D 187 34.52 6.04 -22.16
C HIS D 187 34.39 4.79 -21.31
N ASN D 188 35.16 4.69 -20.25
CA ASN D 188 35.14 3.52 -19.40
C ASN D 188 34.45 3.61 -18.04
N SER D 189 34.76 4.62 -17.27
CA SER D 189 34.25 4.73 -15.93
C SER D 189 33.04 5.59 -15.82
N TYR D 190 31.99 5.08 -15.19
CA TYR D 190 30.79 5.84 -14.98
C TYR D 190 30.39 5.98 -13.53
N THR D 191 30.20 7.20 -13.09
CA THR D 191 29.88 7.48 -11.71
C THR D 191 28.66 8.34 -11.46
N CYS D 192 28.22 7.78 -10.13
CA CYS D 192 27.04 8.55 -9.70
C CYS D 192 27.53 9.04 -8.35
N GLU D 193 27.17 10.49 -8.38
CA GLU D 193 27.76 11.07 -7.20
C GLU D 193 26.82 12.01 -6.48
N ALA D 194 26.70 11.87 -5.16
CA ALA D 194 25.70 12.60 -4.40
C ALA D 194 26.18 13.49 -3.27
N THR D 195 25.76 14.74 -3.27
CA THR D 195 26.03 15.53 -2.09
C THR D 195 24.75 15.78 -1.29
N HIS D 196 24.81 15.42 -0.03
CA HIS D 196 23.69 15.45 0.87
C HIS D 196 24.15 15.66 2.29
N LYS D 197 23.26 16.13 3.12
CA LYS D 197 23.55 16.56 4.46
C LYS D 197 24.16 15.44 5.29
N THR D 198 23.78 14.21 5.04
CA THR D 198 24.24 13.06 5.79
C THR D 198 25.74 12.67 5.69
N SER D 199 26.44 13.14 4.68
CA SER D 199 27.89 12.95 4.59
C SER D 199 28.72 14.19 4.28
N THR D 200 29.94 14.24 4.77
CA THR D 200 30.88 15.32 4.45
C THR D 200 31.44 15.31 3.03
N SER D 201 31.35 14.16 2.37
CA SER D 201 31.92 13.89 1.08
C SER D 201 30.87 13.33 0.19
N PRO D 202 31.14 13.23 -1.08
CA PRO D 202 30.16 12.71 -2.01
C PRO D 202 29.94 11.23 -1.83
N ILE D 203 28.70 10.82 -1.99
CA ILE D 203 28.34 9.46 -1.87
C ILE D 203 28.39 8.99 -3.28
N VAL D 204 29.17 7.96 -3.52
CA VAL D 204 29.56 7.62 -4.87
C VAL D 204 29.33 6.19 -5.27
N LYS D 205 28.78 6.03 -6.45
CA LYS D 205 28.67 4.76 -7.10
C LYS D 205 29.27 4.83 -8.46
N SER D 206 30.00 3.80 -8.82
CA SER D 206 30.66 3.76 -10.09
C SER D 206 30.55 2.40 -10.78
N PHE D 207 30.82 2.36 -12.06
CA PHE D 207 31.09 1.12 -12.72
C PHE D 207 32.01 1.35 -13.90
N ASN D 208 32.68 0.31 -14.35
CA ASN D 208 33.55 0.41 -15.47
C ASN D 208 32.95 -0.41 -16.55
N ARG D 209 32.98 0.11 -17.75
CA ARG D 209 32.42 -0.54 -18.89
C ARG D 209 33.16 -1.80 -19.25
N ALA D 210 34.39 -1.92 -18.75
CA ALA D 210 35.23 -3.07 -19.02
C ALA D 210 34.96 -4.17 -18.02
N VAL E 1 -22.80 15.24 -1.98
CA VAL E 1 -22.39 16.33 -2.82
C VAL E 1 -21.13 15.99 -3.54
N LYS E 2 -21.18 15.92 -4.84
CA LYS E 2 -19.98 15.79 -5.63
C LYS E 2 -20.02 16.50 -6.94
N LEU E 3 -18.86 16.81 -7.46
CA LEU E 3 -18.76 17.25 -8.83
C LEU E 3 -17.90 16.24 -9.54
N GLN E 4 -18.38 15.71 -10.64
CA GLN E 4 -17.70 14.69 -11.41
C GLN E 4 -17.21 15.19 -12.73
N GLU E 5 -15.93 15.16 -12.96
CA GLU E 5 -15.41 15.67 -14.19
C GLU E 5 -15.16 14.58 -15.19
N SER E 6 -15.23 14.95 -16.45
CA SER E 6 -14.98 14.05 -17.55
C SER E 6 -13.53 13.61 -17.68
N GLY E 7 -13.34 12.48 -18.33
CA GLY E 7 -12.03 11.87 -18.39
C GLY E 7 -11.05 12.65 -19.19
N GLY E 8 -9.80 12.30 -19.05
CA GLY E 8 -8.73 12.98 -19.74
C GLY E 8 -8.76 12.89 -21.24
N GLU E 9 -8.27 13.93 -21.87
CA GLU E 9 -8.25 14.06 -23.28
C GLU E 9 -6.85 14.37 -23.81
N VAL E 10 -6.53 13.80 -24.95
CA VAL E 10 -5.28 14.02 -25.62
C VAL E 10 -5.63 14.49 -27.00
N VAL E 11 -5.18 15.65 -27.38
CA VAL E 11 -5.60 16.25 -28.62
C VAL E 11 -4.48 16.96 -29.31
N ARG E 12 -4.61 17.09 -30.60
CA ARG E 12 -3.63 17.78 -31.38
C ARG E 12 -3.98 19.21 -31.39
N PRO E 13 -3.02 20.06 -31.64
CA PRO E 13 -3.23 21.50 -31.63
C PRO E 13 -4.14 22.06 -32.71
N GLY E 14 -4.86 23.11 -32.38
CA GLY E 14 -5.82 23.76 -33.24
C GLY E 14 -7.10 23.03 -33.08
N THR E 15 -7.11 22.03 -32.24
CA THR E 15 -8.30 21.27 -31.99
C THR E 15 -9.17 21.97 -30.99
N SER E 16 -10.32 21.39 -30.69
CA SER E 16 -11.22 21.88 -29.66
C SER E 16 -11.59 20.79 -28.71
N VAL E 17 -11.87 21.13 -27.48
CA VAL E 17 -12.32 20.16 -26.52
C VAL E 17 -13.39 20.72 -25.64
N LYS E 18 -14.27 19.87 -25.15
CA LYS E 18 -15.29 20.26 -24.19
C LYS E 18 -15.27 19.39 -22.95
N VAL E 19 -15.25 20.00 -21.79
CA VAL E 19 -15.16 19.25 -20.56
C VAL E 19 -16.34 19.52 -19.63
N SER E 20 -16.75 18.51 -18.89
CA SER E 20 -17.94 18.60 -18.11
C SER E 20 -17.75 18.34 -16.62
N CYS E 21 -18.48 19.06 -15.80
CA CYS E 21 -18.54 18.93 -14.37
C CYS E 21 -20.00 18.54 -14.27
N LYS E 22 -20.35 17.40 -13.70
CA LYS E 22 -21.74 17.07 -13.46
C LYS E 22 -22.05 17.09 -11.99
N ALA E 23 -23.04 17.87 -11.63
CA ALA E 23 -23.28 18.22 -10.26
C ALA E 23 -24.27 17.34 -9.61
N SER E 24 -23.93 16.85 -8.43
CA SER E 24 -24.80 16.00 -7.66
C SER E 24 -24.90 16.48 -6.24
N GLY E 25 -26.03 16.24 -5.63
CA GLY E 25 -26.23 16.43 -4.23
C GLY E 25 -26.59 17.77 -3.66
N TYR E 26 -26.94 18.72 -4.49
CA TYR E 26 -27.29 20.03 -4.05
C TYR E 26 -28.03 20.69 -5.16
N ALA E 27 -28.52 21.90 -4.93
CA ALA E 27 -29.27 22.60 -5.94
C ALA E 27 -28.37 23.29 -6.91
N PHE E 28 -28.37 22.79 -8.12
CA PHE E 28 -27.46 23.20 -9.14
C PHE E 28 -27.63 24.64 -9.49
N THR E 29 -28.86 25.09 -9.61
CA THR E 29 -29.13 26.46 -9.98
C THR E 29 -28.82 27.42 -8.88
N ASN E 30 -28.71 26.91 -7.67
CA ASN E 30 -28.44 27.77 -6.56
C ASN E 30 -27.05 28.34 -6.44
N TYR E 31 -26.08 27.75 -7.09
CA TYR E 31 -24.72 28.15 -6.90
C TYR E 31 -23.98 28.36 -8.17
N LEU E 32 -22.94 29.16 -8.12
CA LEU E 32 -22.00 29.36 -9.19
C LEU E 32 -21.02 28.23 -9.46
N ILE E 33 -20.59 28.13 -10.69
CA ILE E 33 -19.50 27.24 -11.04
C ILE E 33 -18.33 27.98 -11.65
N GLU E 34 -17.16 27.82 -11.06
CA GLU E 34 -15.95 28.48 -11.47
C GLU E 34 -15.09 27.47 -12.20
N TRP E 35 -14.21 27.94 -13.05
CA TRP E 35 -13.24 27.07 -13.68
C TRP E 35 -11.87 27.55 -13.43
N VAL E 36 -10.96 26.69 -13.12
CA VAL E 36 -9.59 27.09 -12.86
C VAL E 36 -8.60 26.18 -13.51
N LYS E 37 -7.51 26.74 -13.96
CA LYS E 37 -6.51 26.00 -14.68
C LYS E 37 -5.27 25.76 -13.83
N GLN E 38 -4.81 24.53 -13.79
CA GLN E 38 -3.57 24.23 -13.13
C GLN E 38 -2.50 23.59 -14.01
N ARG E 39 -1.38 24.26 -14.13
CA ARG E 39 -0.28 23.70 -14.88
C ARG E 39 0.77 23.32 -13.94
N PRO E 40 1.48 22.25 -14.21
CA PRO E 40 2.40 21.71 -13.22
C PRO E 40 3.46 22.70 -12.81
N GLY E 41 3.66 22.80 -11.50
CA GLY E 41 4.67 23.66 -10.91
C GLY E 41 4.27 25.11 -10.81
N GLN E 42 3.08 25.40 -11.29
CA GLN E 42 2.66 26.77 -11.52
C GLN E 42 1.42 27.12 -10.75
N GLY E 43 1.19 28.41 -10.62
CA GLY E 43 0.05 28.87 -9.90
C GLY E 43 -1.25 28.55 -10.56
N LEU E 44 -2.27 28.39 -9.74
CA LEU E 44 -3.62 28.31 -10.19
C LEU E 44 -4.04 29.57 -10.92
N GLU E 45 -4.75 29.36 -12.00
CA GLU E 45 -5.28 30.43 -12.81
C GLU E 45 -6.79 30.33 -13.01
N TRP E 46 -7.51 31.37 -12.65
CA TRP E 46 -8.97 31.43 -12.79
C TRP E 46 -9.38 31.67 -14.21
N ILE E 47 -10.29 30.88 -14.73
CA ILE E 47 -10.71 31.06 -16.09
C ILE E 47 -12.00 31.86 -16.23
N GLY E 48 -12.99 31.50 -15.44
CA GLY E 48 -14.27 32.13 -15.54
C GLY E 48 -15.26 31.50 -14.61
N VAL E 49 -16.44 32.07 -14.56
CA VAL E 49 -17.51 31.57 -13.75
C VAL E 49 -18.84 31.58 -14.48
N ILE E 50 -19.72 30.70 -14.09
CA ILE E 50 -21.03 30.65 -14.64
C ILE E 50 -22.12 30.56 -13.60
N ASN E 51 -23.20 31.26 -13.84
CA ASN E 51 -24.41 31.16 -13.06
C ASN E 51 -25.35 30.19 -13.76
N PRO E 52 -25.52 29.00 -13.23
CA PRO E 52 -26.33 28.02 -13.95
C PRO E 52 -27.80 28.39 -14.20
N GLY E 53 -28.52 29.00 -13.27
CA GLY E 53 -29.87 29.40 -13.59
C GLY E 53 -30.08 30.45 -14.67
N SER E 54 -29.31 31.52 -14.59
CA SER E 54 -29.24 32.57 -15.57
C SER E 54 -28.57 32.29 -16.91
N GLY E 55 -27.45 31.60 -16.87
CA GLY E 55 -26.51 31.57 -17.95
C GLY E 55 -25.53 32.73 -17.98
N ASP E 56 -25.57 33.58 -16.99
CA ASP E 56 -24.68 34.70 -16.95
C ASP E 56 -23.25 34.24 -16.78
N THR E 57 -22.31 34.92 -17.38
CA THR E 57 -20.90 34.57 -17.25
C THR E 57 -19.95 35.70 -17.03
N ASN E 58 -18.90 35.43 -16.32
CA ASN E 58 -17.81 36.36 -16.13
C ASN E 58 -16.51 35.66 -16.42
N TYR E 59 -15.70 36.26 -17.26
CA TYR E 59 -14.50 35.65 -17.75
C TYR E 59 -13.30 36.43 -17.36
N ASN E 60 -12.21 35.74 -17.22
CA ASN E 60 -10.93 36.38 -17.15
C ASN E 60 -10.61 36.98 -18.51
N GLU E 61 -10.02 38.15 -18.54
CA GLU E 61 -9.78 38.86 -19.79
C GLU E 61 -8.90 38.01 -20.65
N LYS E 62 -7.97 37.36 -20.01
CA LYS E 62 -7.02 36.50 -20.63
C LYS E 62 -7.66 35.32 -21.35
N PHE E 63 -8.74 34.80 -20.83
CA PHE E 63 -9.30 33.61 -21.41
C PHE E 63 -10.51 33.84 -22.29
N LYS E 64 -10.81 35.07 -22.64
CA LYS E 64 -12.03 35.33 -23.36
C LYS E 64 -12.11 34.69 -24.72
N GLY E 65 -11.05 34.73 -25.50
CA GLY E 65 -11.15 34.02 -26.74
C GLY E 65 -11.28 32.54 -26.60
N LYS E 66 -10.45 32.00 -25.73
CA LYS E 66 -10.24 30.58 -25.55
C LYS E 66 -11.33 29.72 -24.98
N ALA E 67 -12.06 30.26 -24.03
CA ALA E 67 -12.97 29.49 -23.26
C ALA E 67 -14.40 29.97 -23.35
N THR E 68 -15.30 29.02 -23.47
CA THR E 68 -16.72 29.24 -23.43
C THR E 68 -17.38 28.36 -22.40
N LEU E 69 -18.18 28.96 -21.55
CA LEU E 69 -18.82 28.25 -20.48
C LEU E 69 -20.32 28.13 -20.68
N THR E 70 -20.87 26.96 -20.52
CA THR E 70 -22.28 26.75 -20.69
C THR E 70 -22.83 25.83 -19.64
N ALA E 71 -24.12 25.95 -19.37
CA ALA E 71 -24.78 25.11 -18.40
C ALA E 71 -26.03 24.42 -18.91
N ASP E 72 -26.20 23.16 -18.60
CA ASP E 72 -27.44 22.47 -18.87
C ASP E 72 -28.22 22.34 -17.59
N LYS E 73 -29.22 23.18 -17.42
CA LYS E 73 -29.92 23.19 -16.16
C LYS E 73 -30.63 21.86 -15.92
N SER E 74 -31.15 21.28 -16.98
CA SER E 74 -31.82 20.00 -16.85
C SER E 74 -30.95 18.85 -16.38
N SER E 75 -29.74 18.74 -16.90
CA SER E 75 -28.87 17.64 -16.52
C SER E 75 -27.89 17.96 -15.40
N SER E 76 -27.98 19.16 -14.86
CA SER E 76 -27.15 19.56 -13.75
C SER E 76 -25.68 19.45 -14.08
N THR E 77 -25.36 19.86 -15.29
CA THR E 77 -24.03 19.70 -15.79
C THR E 77 -23.49 21.01 -16.27
N ALA E 78 -22.22 21.27 -15.99
CA ALA E 78 -21.53 22.43 -16.50
C ALA E 78 -20.54 22.05 -17.59
N TYR E 79 -20.35 22.91 -18.56
CA TYR E 79 -19.39 22.68 -19.61
C TYR E 79 -18.36 23.78 -19.87
N MET E 80 -17.14 23.37 -20.14
CA MET E 80 -16.12 24.27 -20.61
C MET E 80 -15.52 23.85 -21.94
N GLN E 81 -15.45 24.80 -22.85
CA GLN E 81 -14.91 24.51 -24.14
C GLN E 81 -13.72 25.37 -24.41
N LEU E 82 -12.64 24.73 -24.78
CA LEU E 82 -11.42 25.40 -25.13
C LEU E 82 -11.12 25.21 -26.59
N ASN E 83 -10.91 26.29 -27.30
CA ASN E 83 -10.69 26.26 -28.73
C ASN E 83 -9.35 26.81 -29.16
N SER E 84 -8.91 26.45 -30.35
CA SER E 84 -7.59 26.80 -30.85
C SER E 84 -6.45 26.36 -29.94
N LEU E 85 -6.46 25.09 -29.60
CA LEU E 85 -5.56 24.57 -28.62
C LEU E 85 -4.07 24.65 -29.01
N THR E 86 -3.29 24.93 -28.00
CA THR E 86 -1.88 25.09 -28.13
C THR E 86 -1.20 24.38 -27.00
N SER E 87 0.11 24.33 -27.05
CA SER E 87 0.85 23.61 -26.05
C SER E 87 0.69 24.19 -24.68
N ASP E 88 0.46 25.49 -24.64
CA ASP E 88 0.17 26.22 -23.43
C ASP E 88 -1.13 25.75 -22.80
N ASP E 89 -2.04 25.25 -23.59
CA ASP E 89 -3.28 24.75 -23.07
C ASP E 89 -3.23 23.44 -22.31
N SER E 90 -2.14 22.71 -22.38
CA SER E 90 -2.09 21.51 -21.60
C SER E 90 -2.01 21.87 -20.16
N ALA E 91 -2.93 21.29 -19.40
CA ALA E 91 -3.08 21.52 -17.99
C ALA E 91 -4.09 20.57 -17.40
N VAL E 92 -4.29 20.73 -16.11
CA VAL E 92 -5.39 20.14 -15.45
C VAL E 92 -6.46 21.20 -15.19
N TYR E 93 -7.65 20.91 -15.62
CA TYR E 93 -8.75 21.80 -15.40
C TYR E 93 -9.74 21.34 -14.34
N PHE E 94 -10.07 22.25 -13.48
CA PHE E 94 -10.91 22.03 -12.36
C PHE E 94 -12.18 22.84 -12.51
N CYS E 95 -13.31 22.24 -12.21
CA CYS E 95 -14.53 23.00 -12.00
C CYS E 95 -14.78 22.98 -10.52
N ALA E 96 -15.30 24.05 -9.95
CA ALA E 96 -15.62 24.09 -8.55
C ALA E 96 -16.85 24.91 -8.25
N ARG E 97 -17.58 24.59 -7.21
CA ARG E 97 -18.68 25.44 -6.78
C ARG E 97 -18.14 26.63 -6.06
N SER E 98 -18.80 27.75 -6.18
CA SER E 98 -18.55 28.89 -5.30
C SER E 98 -19.92 29.25 -4.73
N GLY E 99 -20.02 30.44 -4.19
CA GLY E 99 -21.23 30.96 -3.60
C GLY E 99 -22.63 30.98 -4.21
N ALA E 100 -23.57 31.57 -3.49
CA ALA E 100 -24.95 31.62 -3.94
C ALA E 100 -25.04 32.45 -5.18
N ALA E 101 -25.82 32.05 -6.15
CA ALA E 101 -25.60 32.58 -7.46
C ALA E 101 -26.10 34.00 -7.64
N ALA E 102 -25.13 34.86 -7.81
CA ALA E 102 -25.24 36.28 -7.81
C ALA E 102 -23.98 36.66 -8.50
N PRO E 103 -23.88 37.86 -9.04
CA PRO E 103 -22.66 38.27 -9.72
C PRO E 103 -21.65 38.93 -8.80
N THR E 104 -21.07 38.11 -7.97
CA THR E 104 -19.99 38.45 -7.11
C THR E 104 -19.05 37.30 -7.09
N TYR E 105 -17.82 37.60 -6.78
CA TYR E 105 -16.81 36.60 -6.62
C TYR E 105 -16.83 36.04 -5.23
N TYR E 106 -16.37 34.82 -5.12
CA TYR E 106 -16.46 33.99 -3.94
C TYR E 106 -15.26 33.12 -3.80
N ALA E 107 -15.13 32.56 -2.62
CA ALA E 107 -14.35 31.37 -2.38
C ALA E 107 -14.99 30.14 -3.00
N MET E 108 -14.18 29.21 -3.47
CA MET E 108 -14.71 27.99 -4.04
C MET E 108 -14.71 26.84 -3.06
N ASP E 109 -15.86 26.60 -2.51
CA ASP E 109 -16.07 25.58 -1.54
C ASP E 109 -15.99 24.11 -1.89
N TYR E 110 -16.37 23.70 -3.07
CA TYR E 110 -16.14 22.33 -3.46
C TYR E 110 -15.57 22.16 -4.85
N TRP E 111 -14.57 21.32 -4.99
CA TRP E 111 -13.88 21.13 -6.24
C TRP E 111 -14.11 19.75 -6.85
N GLY E 112 -14.15 19.72 -8.15
CA GLY E 112 -14.20 18.50 -8.92
C GLY E 112 -12.87 17.83 -8.92
N GLN E 113 -12.81 16.59 -9.35
CA GLN E 113 -11.57 15.82 -9.38
C GLN E 113 -10.54 16.31 -10.38
N GLY E 114 -11.00 16.99 -11.40
CA GLY E 114 -10.16 17.55 -12.42
C GLY E 114 -9.95 16.75 -13.69
N VAL E 115 -9.67 17.46 -14.76
CA VAL E 115 -9.53 16.87 -16.06
C VAL E 115 -8.22 17.20 -16.76
N SER E 116 -7.48 16.17 -17.09
CA SER E 116 -6.24 16.32 -17.77
C SER E 116 -6.47 16.60 -19.25
N VAL E 117 -5.86 17.65 -19.77
CA VAL E 117 -5.97 17.93 -21.17
C VAL E 117 -4.57 17.98 -21.67
N THR E 118 -4.26 17.17 -22.65
CA THR E 118 -2.94 17.21 -23.23
C THR E 118 -2.99 17.55 -24.69
N VAL E 119 -2.32 18.62 -25.05
CA VAL E 119 -2.20 19.04 -26.39
C VAL E 119 -0.83 18.64 -26.87
N SER E 120 -0.79 17.72 -27.79
CA SER E 120 0.44 17.28 -28.38
C SER E 120 0.27 16.92 -29.85
N SER E 121 1.35 17.01 -30.57
CA SER E 121 1.44 16.57 -31.93
C SER E 121 2.02 15.18 -32.01
N ALA E 122 2.30 14.58 -30.89
CA ALA E 122 2.93 13.28 -30.93
C ALA E 122 2.01 12.18 -31.34
N LYS E 123 2.57 11.22 -32.01
CA LYS E 123 1.91 9.98 -32.34
C LYS E 123 1.86 9.01 -31.19
N THR E 124 0.78 8.26 -31.06
CA THR E 124 0.70 7.28 -30.01
C THR E 124 1.76 6.28 -30.23
N THR E 125 2.49 5.98 -29.18
CA THR E 125 3.63 5.13 -29.30
C THR E 125 3.75 4.33 -28.02
N PRO E 126 4.00 3.05 -28.14
CA PRO E 126 4.15 2.16 -27.00
C PRO E 126 5.49 2.35 -26.39
N PRO E 127 5.63 2.08 -25.11
CA PRO E 127 6.91 2.15 -24.43
C PRO E 127 7.86 1.05 -24.80
N SER E 128 9.14 1.33 -24.72
CA SER E 128 10.15 0.32 -24.83
C SER E 128 10.59 0.11 -23.41
N VAL E 129 10.64 -1.13 -22.97
CA VAL E 129 10.93 -1.40 -21.59
C VAL E 129 12.28 -2.03 -21.40
N TYR E 130 13.15 -1.38 -20.68
CA TYR E 130 14.47 -1.89 -20.53
C TYR E 130 14.67 -2.26 -19.12
N PRO E 131 15.14 -3.47 -18.91
CA PRO E 131 15.44 -3.99 -17.59
C PRO E 131 16.76 -3.52 -17.04
N LEU E 132 16.88 -3.35 -15.74
CA LEU E 132 18.12 -2.91 -15.16
C LEU E 132 18.69 -3.83 -14.09
N ALA E 133 19.88 -4.34 -14.29
CA ALA E 133 20.54 -5.15 -13.29
C ALA E 133 21.95 -4.66 -13.02
N PRO E 134 22.48 -4.96 -11.87
CA PRO E 134 23.69 -4.34 -11.41
C PRO E 134 25.02 -4.54 -12.14
N ALA E 135 25.42 -5.74 -12.49
CA ALA E 135 26.84 -5.95 -12.71
C ALA E 135 27.57 -6.36 -11.41
N ALA E 136 28.87 -6.10 -11.36
CA ALA E 136 29.72 -6.67 -10.34
C ALA E 136 29.31 -6.17 -8.98
N ALA E 137 29.69 -6.86 -7.91
CA ALA E 137 29.16 -6.58 -6.57
C ALA E 137 29.66 -5.27 -5.98
N ALA E 138 29.00 -4.73 -4.96
CA ALA E 138 27.69 -5.13 -4.50
C ALA E 138 26.94 -3.97 -3.85
N ALA E 139 25.68 -3.74 -4.23
CA ALA E 139 24.89 -2.65 -3.64
C ALA E 139 24.71 -2.88 -2.15
N ASN E 140 24.77 -1.78 -1.42
CA ASN E 140 25.06 -1.85 -0.03
C ASN E 140 24.11 -2.63 0.87
N SER E 141 22.81 -2.49 0.75
CA SER E 141 21.98 -3.23 1.70
C SER E 141 21.12 -4.37 1.13
N MET E 142 19.90 -4.07 0.74
CA MET E 142 19.09 -5.08 0.11
C MET E 142 19.61 -5.01 -1.32
N VAL E 143 18.91 -5.58 -2.28
CA VAL E 143 19.36 -5.47 -3.65
C VAL E 143 18.43 -4.59 -4.40
N THR E 144 18.96 -3.73 -5.26
CA THR E 144 18.09 -2.83 -6.01
C THR E 144 18.13 -3.06 -7.49
N LEU E 145 16.96 -3.08 -8.08
CA LEU E 145 16.72 -3.46 -9.44
C LEU E 145 15.81 -2.43 -10.01
N GLY E 146 15.68 -2.36 -11.30
CA GLY E 146 14.81 -1.35 -11.89
C GLY E 146 14.40 -1.64 -13.29
N CYS E 147 13.46 -0.89 -13.81
CA CYS E 147 13.32 -0.82 -15.24
C CYS E 147 13.13 0.57 -15.76
N LEU E 148 13.47 0.76 -17.02
CA LEU E 148 13.34 2.03 -17.65
C LEU E 148 12.25 2.00 -18.69
N VAL E 149 11.27 2.85 -18.57
CA VAL E 149 10.21 2.86 -19.52
C VAL E 149 10.34 4.10 -20.33
N LYS E 150 10.69 3.91 -21.59
CA LYS E 150 11.20 4.97 -22.42
C LYS E 150 10.50 5.11 -23.74
N GLY E 151 10.36 6.34 -24.17
CA GLY E 151 9.67 6.67 -25.39
C GLY E 151 8.22 6.35 -25.63
N TYR E 152 7.34 6.69 -24.71
CA TYR E 152 5.94 6.38 -24.87
C TYR E 152 5.06 7.63 -24.91
N PHE E 153 3.92 7.53 -25.55
CA PHE E 153 2.94 8.57 -25.56
C PHE E 153 1.61 7.98 -25.93
N PRO E 154 0.51 8.55 -25.48
CA PRO E 154 0.50 9.58 -24.45
C PRO E 154 0.55 9.01 -23.07
N GLU E 155 0.58 9.86 -22.09
CA GLU E 155 0.50 9.39 -20.74
C GLU E 155 -0.84 8.73 -20.49
N PRO E 156 -0.90 7.70 -19.70
CA PRO E 156 0.07 7.34 -18.70
C PRO E 156 0.32 5.87 -18.83
N VAL E 157 1.31 5.35 -18.15
CA VAL E 157 1.48 3.93 -18.08
C VAL E 157 1.32 3.48 -16.65
N THR E 158 1.00 2.22 -16.49
CA THR E 158 0.98 1.63 -15.18
C THR E 158 2.10 0.66 -15.12
N VAL E 159 2.87 0.74 -14.06
CA VAL E 159 4.00 -0.14 -13.86
C VAL E 159 3.80 -1.06 -12.67
N THR E 160 4.07 -2.33 -12.82
CA THR E 160 3.91 -3.25 -11.71
C THR E 160 5.11 -4.15 -11.52
N TRP E 161 5.29 -4.68 -10.34
CA TRP E 161 6.32 -5.67 -10.18
C TRP E 161 5.79 -7.05 -9.81
N ASN E 162 6.11 -8.04 -10.60
CA ASN E 162 5.63 -9.38 -10.37
C ASN E 162 4.15 -9.43 -10.27
N SER E 163 3.49 -8.80 -11.20
CA SER E 163 2.04 -8.77 -11.20
C SER E 163 1.54 -8.25 -9.88
N GLY E 164 2.25 -7.30 -9.33
CA GLY E 164 1.76 -6.53 -8.22
C GLY E 164 2.10 -7.11 -6.88
N SER E 165 2.66 -8.31 -6.89
CA SER E 165 3.00 -9.04 -5.69
C SER E 165 4.01 -8.30 -4.88
N LEU E 166 4.96 -7.68 -5.54
CA LEU E 166 5.87 -6.83 -4.81
C LEU E 166 5.31 -5.43 -4.91
N SER E 167 4.97 -4.86 -3.78
CA SER E 167 4.66 -3.47 -3.67
C SER E 167 5.42 -3.21 -2.43
N GLY E 168 5.97 -2.03 -2.27
CA GLY E 168 6.71 -1.77 -1.05
C GLY E 168 8.10 -2.20 -1.40
N GLY E 169 9.06 -1.37 -1.11
CA GLY E 169 10.36 -1.56 -1.68
C GLY E 169 10.35 -1.02 -3.09
N VAL E 170 9.27 -0.38 -3.49
CA VAL E 170 9.12 0.04 -4.87
C VAL E 170 8.97 1.54 -5.07
N HIS E 171 9.77 2.08 -5.98
CA HIS E 171 9.68 3.47 -6.34
C HIS E 171 9.46 3.65 -7.81
N THR E 172 8.35 4.27 -8.14
CA THR E 172 8.01 4.54 -9.50
C THR E 172 7.97 6.03 -9.62
N PHE E 173 8.72 6.57 -10.55
CA PHE E 173 8.98 7.97 -10.60
C PHE E 173 8.15 8.58 -11.66
N PRO E 174 7.80 9.83 -11.44
CA PRO E 174 6.93 10.52 -12.36
C PRO E 174 7.62 10.66 -13.68
N ALA E 175 6.91 10.54 -14.76
CA ALA E 175 7.48 10.66 -16.07
C ALA E 175 7.92 12.07 -16.52
N VAL E 176 8.89 12.13 -17.40
CA VAL E 176 9.35 13.39 -17.93
C VAL E 176 9.44 13.35 -19.41
N LEU E 177 9.51 14.52 -20.00
CA LEU E 177 9.44 14.66 -21.41
C LEU E 177 10.85 14.69 -22.02
N GLN E 178 11.07 13.80 -22.95
CA GLN E 178 12.30 13.65 -23.68
C GLN E 178 11.85 13.72 -25.12
N SER E 179 11.95 14.88 -25.73
CA SER E 179 11.37 15.16 -27.04
C SER E 179 9.86 15.03 -27.14
N ASP E 180 9.39 14.25 -28.11
CA ASP E 180 7.99 14.04 -28.44
C ASP E 180 7.34 13.44 -27.17
N LEU E 181 8.07 12.59 -26.47
CA LEU E 181 7.55 11.54 -25.63
C LEU E 181 8.05 11.41 -24.21
N TYR E 182 7.33 10.64 -23.43
CA TYR E 182 7.57 10.39 -22.03
C TYR E 182 8.58 9.30 -21.63
N THR E 183 9.25 9.50 -20.51
CA THR E 183 10.12 8.52 -19.94
C THR E 183 9.95 8.50 -18.46
N LEU E 184 9.96 7.32 -17.87
CA LEU E 184 9.99 7.20 -16.44
C LEU E 184 10.77 5.98 -16.10
N SER E 185 11.15 5.85 -14.85
CA SER E 185 11.77 4.66 -14.40
C SER E 185 11.05 4.18 -13.17
N SER E 186 11.22 2.92 -12.84
CA SER E 186 10.79 2.36 -11.57
C SER E 186 11.84 1.49 -10.91
N SER E 187 12.03 1.65 -9.61
CA SER E 187 13.03 0.89 -8.88
C SER E 187 12.41 0.01 -7.84
N VAL E 188 12.93 -1.20 -7.69
CA VAL E 188 12.44 -2.10 -6.66
C VAL E 188 13.55 -2.71 -5.90
N THR E 189 13.47 -2.71 -4.59
CA THR E 189 14.50 -3.36 -3.83
C THR E 189 13.98 -4.50 -3.00
N VAL E 190 14.72 -5.60 -3.03
CA VAL E 190 14.34 -6.84 -2.41
C VAL E 190 15.48 -7.35 -1.59
N PRO E 191 15.19 -8.23 -0.63
CA PRO E 191 16.22 -8.69 0.28
C PRO E 191 17.18 -9.44 -0.60
N SER E 192 18.47 -9.43 -0.33
CA SER E 192 19.41 -9.92 -1.31
C SER E 192 19.24 -11.35 -1.66
N SER E 193 18.92 -12.15 -0.69
CA SER E 193 18.93 -13.58 -0.86
C SER E 193 18.00 -13.91 -1.99
N THR E 194 16.89 -13.20 -2.05
CA THR E 194 15.87 -13.48 -3.01
C THR E 194 16.24 -13.36 -4.48
N TRP E 195 17.06 -12.39 -4.86
CA TRP E 195 17.43 -12.30 -6.27
C TRP E 195 18.92 -12.53 -6.57
N PRO E 196 19.25 -13.38 -7.51
CA PRO E 196 18.46 -13.78 -8.67
C PRO E 196 17.83 -15.09 -8.45
N SER E 197 17.59 -15.43 -7.19
CA SER E 197 17.18 -16.74 -6.78
C SER E 197 15.86 -17.12 -7.43
N GLU E 198 14.94 -16.20 -7.48
CA GLU E 198 13.74 -16.45 -8.23
C GLU E 198 13.43 -15.24 -9.06
N THR E 199 12.56 -15.38 -10.03
CA THR E 199 12.32 -14.31 -10.95
C THR E 199 11.73 -13.06 -10.35
N VAL E 200 12.25 -11.93 -10.81
CA VAL E 200 11.62 -10.65 -10.67
C VAL E 200 11.34 -10.14 -12.03
N THR E 201 10.10 -9.80 -12.29
CA THR E 201 9.71 -9.32 -13.58
C THR E 201 9.02 -8.00 -13.45
N CYS E 202 9.15 -7.18 -14.47
CA CYS E 202 8.64 -5.84 -14.51
C CYS E 202 7.43 -5.87 -15.41
N ASN E 203 6.38 -5.18 -15.03
CA ASN E 203 5.18 -5.15 -15.81
C ASN E 203 4.79 -3.77 -16.26
N VAL E 204 4.65 -3.55 -17.53
CA VAL E 204 4.32 -2.24 -17.99
C VAL E 204 3.11 -2.24 -18.89
N ALA E 205 2.14 -1.39 -18.61
CA ALA E 205 0.96 -1.40 -19.42
C ALA E 205 0.68 -0.05 -19.95
N HIS E 206 0.39 0.04 -21.23
CA HIS E 206 0.03 1.30 -21.83
C HIS E 206 -1.31 1.13 -22.46
N PRO E 207 -2.31 1.71 -21.86
CA PRO E 207 -3.68 1.53 -22.32
C PRO E 207 -3.85 2.07 -23.69
N ALA E 208 -3.29 3.23 -23.93
CA ALA E 208 -3.50 3.92 -25.17
C ALA E 208 -2.96 3.13 -26.35
N SER E 209 -1.89 2.40 -26.13
CA SER E 209 -1.36 1.47 -27.12
C SER E 209 -1.90 0.05 -27.00
N SER E 210 -2.72 -0.22 -26.01
CA SER E 210 -3.20 -1.57 -25.84
C SER E 210 -2.05 -2.49 -25.70
N THR E 211 -1.07 -2.07 -24.95
CA THR E 211 0.13 -2.81 -24.81
C THR E 211 0.35 -3.19 -23.38
N LYS E 212 0.72 -4.43 -23.17
CA LYS E 212 1.21 -4.88 -21.90
C LYS E 212 2.43 -5.73 -22.17
N VAL E 213 3.51 -5.48 -21.48
CA VAL E 213 4.66 -6.34 -21.64
C VAL E 213 5.29 -6.53 -20.32
N ASP E 214 6.06 -7.59 -20.21
CA ASP E 214 6.77 -7.88 -18.99
C ASP E 214 8.22 -8.09 -19.31
N LYS E 215 9.10 -7.72 -18.40
CA LYS E 215 10.49 -8.06 -18.54
C LYS E 215 11.09 -8.64 -17.29
N LYS E 216 11.63 -9.82 -17.42
CA LYS E 216 12.35 -10.50 -16.37
C LYS E 216 13.54 -9.68 -16.15
N ILE E 217 13.98 -9.47 -14.93
CA ILE E 217 15.25 -8.82 -14.78
C ILE E 217 16.31 -9.88 -14.66
N VAL E 218 17.24 -9.91 -15.60
CA VAL E 218 18.26 -10.93 -15.59
C VAL E 218 19.65 -10.44 -15.27
N PRO E 219 20.28 -11.11 -14.33
CA PRO E 219 21.64 -10.81 -13.91
C PRO E 219 22.60 -11.22 -14.95
N ARG E 220 23.62 -10.42 -15.19
CA ARG E 220 24.74 -10.86 -15.97
C ARG E 220 26.00 -10.70 -15.14
N PRO F 1 -19.48 37.52 -10.55
CA PRO F 1 -19.07 38.49 -11.54
C PRO F 1 -18.56 39.86 -11.10
N HIS F 2 -18.95 40.49 -10.00
CA HIS F 2 -18.23 41.71 -9.63
C HIS F 2 -18.33 42.26 -8.21
N GLY F 3 -17.25 42.18 -7.45
CA GLY F 3 -17.19 42.48 -6.02
C GLY F 3 -17.12 41.16 -5.33
N GLY F 4 -16.68 41.06 -4.07
CA GLY F 4 -16.62 39.77 -3.40
C GLY F 4 -17.17 39.51 -2.01
N SER F 5 -18.13 38.62 -1.84
CA SER F 5 -18.87 38.68 -0.62
C SER F 5 -19.27 37.39 0.04
N TRP F 6 -18.35 36.61 0.53
CA TRP F 6 -18.73 35.35 1.07
C TRP F 6 -19.45 35.57 2.39
N GLY F 7 -20.29 34.63 2.80
CA GLY F 7 -20.76 33.53 2.03
C GLY F 7 -21.98 32.98 2.72
N GLN F 8 -22.65 32.06 2.09
CA GLN F 8 -23.89 31.57 2.64
C GLN F 8 -23.73 31.08 4.07
#